data_2ZWZ
#
_entry.id   2ZWZ
#
_cell.length_a   180.693
_cell.length_b   180.693
_cell.length_c   169.375
_cell.angle_alpha   90.00
_cell.angle_beta   90.00
_cell.angle_gamma   120.00
#
_symmetry.space_group_name_H-M   'H 3 2'
#
loop_
_entity.id
_entity.type
_entity.pdbx_description
1 polymer 'Alpha-L-fucosidase, putative'
2 non-polymer (2R,3R,4R,5R,6S)-2-(aminomethyl)-6-methylpiperidine-3,4,5-triol
3 water water
#
_entity_poly.entity_id   1
_entity_poly.type   'polypeptide(L)'
_entity_poly.pdbx_seq_one_letter_code
;MISMKPRYKPDWESLREHTVPKWFDKAKFGIFIHWGIYSVPGWATPTGELGKVPMDAWFFQNPYAEWYENSLRIKESPTW
EYHVKTYGENFEYEKFADLFTAEKWDPQEWADLFKKAGAKYVIPTTKHHDGFCLWGTKYTDFNSVKRGPKRDLVGDLAKA
VREAGLRFGVYYSGGLDWRFTTEPIRYPEDLSYIRPNTYEYADYAYKQVMELVDLYLPDVLWNDMGWPEKGKEDLKYLFA
YYYNKHPEGSVNDRWGVPHWDFKTAEYHVNYPGDLPGYKWEFTRGIGLSFGYNRNEGPEHMLSVEQLVYTLVDVVSKGGN
LLLNVGPKGDGTIPDLQKERLLGLGEWLRKYGDAIYGTSVWERCCAKTEDGTEIRFTRKCNRIFVIFLGIPTGEKIVIED
LNLSAGTVRHFLTGERLSFKNVGKNLEITVPKKLLETDSITLVLEAVEEHHHHHH
;
_entity_poly.pdbx_strand_id   A,B
#
loop_
_chem_comp.id
_chem_comp.type
_chem_comp.name
_chem_comp.formula
ZWZ non-polymer (2R,3R,4R,5R,6S)-2-(aminomethyl)-6-methylpiperidine-3,4,5-triol 'C7 H16 N2 O3'
#
# COMPACT_ATOMS: atom_id res chain seq x y z
N ARG A 7 -4.37 -5.88 -16.38
CA ARG A 7 -5.62 -5.11 -16.16
C ARG A 7 -6.14 -5.29 -14.71
N TYR A 8 -6.92 -4.33 -14.23
CA TYR A 8 -7.53 -4.52 -12.92
C TYR A 8 -8.87 -5.23 -13.19
N LYS A 9 -9.26 -6.13 -12.30
CA LYS A 9 -10.50 -6.84 -12.45
C LYS A 9 -11.49 -6.23 -11.48
N PRO A 10 -12.78 -6.39 -11.76
CA PRO A 10 -13.84 -5.86 -10.91
C PRO A 10 -14.11 -6.71 -9.68
N ASP A 11 -13.15 -6.75 -8.78
CA ASP A 11 -13.35 -7.41 -7.50
C ASP A 11 -12.34 -6.77 -6.56
N TRP A 12 -12.73 -6.67 -5.30
CA TRP A 12 -11.91 -6.00 -4.30
C TRP A 12 -10.51 -6.54 -4.14
N GLU A 13 -10.37 -7.86 -4.34
CA GLU A 13 -9.09 -8.51 -4.21
C GLU A 13 -8.13 -8.04 -5.28
N SER A 14 -8.62 -7.84 -6.49
CA SER A 14 -7.80 -7.36 -7.59
C SER A 14 -7.54 -5.83 -7.48
N LEU A 15 -8.60 -5.10 -7.12
CA LEU A 15 -8.51 -3.66 -6.98
C LEU A 15 -7.53 -3.29 -5.87
N ARG A 16 -7.34 -4.21 -4.94
CA ARG A 16 -6.39 -3.99 -3.83
C ARG A 16 -4.92 -3.76 -4.34
N GLU A 17 -4.61 -4.22 -5.55
CA GLU A 17 -3.33 -4.05 -6.18
C GLU A 17 -3.05 -2.59 -6.49
N HIS A 18 -4.08 -1.76 -6.59
CA HIS A 18 -3.87 -0.38 -6.87
C HIS A 18 -3.61 0.32 -5.60
N THR A 19 -2.48 0.97 -5.47
CA THR A 19 -2.25 1.74 -4.23
C THR A 19 -2.14 3.20 -4.62
N VAL A 20 -2.10 4.07 -3.60
CA VAL A 20 -2.02 5.47 -3.89
C VAL A 20 -0.91 5.81 -4.88
N PRO A 21 -1.25 6.59 -5.90
CA PRO A 21 -0.15 6.90 -6.82
C PRO A 21 0.93 7.76 -6.19
N LYS A 22 2.12 7.57 -6.72
CA LYS A 22 3.30 8.27 -6.28
C LYS A 22 3.09 9.79 -6.38
N TRP A 23 2.48 10.27 -7.45
CA TRP A 23 2.29 11.70 -7.57
C TRP A 23 1.46 12.30 -6.40
N PHE A 24 0.47 11.54 -5.94
CA PHE A 24 -0.37 12.05 -4.90
C PHE A 24 0.39 12.10 -3.59
N ASP A 25 1.16 11.05 -3.33
CA ASP A 25 1.91 10.97 -2.11
C ASP A 25 2.93 12.08 -1.99
N LYS A 26 3.52 12.47 -3.11
CA LYS A 26 4.54 13.53 -3.13
C LYS A 26 3.97 14.96 -3.24
N ALA A 27 2.72 15.07 -3.66
CA ALA A 27 2.13 16.37 -3.88
C ALA A 27 1.97 17.22 -2.63
N LYS A 28 1.59 16.58 -1.52
CA LYS A 28 1.41 17.24 -0.22
C LYS A 28 0.32 18.31 -0.05
N PHE A 29 0.06 19.09 -1.08
CA PHE A 29 -0.86 20.17 -0.96
C PHE A 29 -1.72 20.29 -2.16
N GLY A 30 -3.02 20.34 -1.88
CA GLY A 30 -4.00 20.49 -2.94
C GLY A 30 -5.03 21.53 -2.56
N ILE A 31 -5.78 21.98 -3.57
CA ILE A 31 -6.82 22.96 -3.36
C ILE A 31 -8.22 22.37 -3.62
N PHE A 32 -9.08 22.51 -2.62
CA PHE A 32 -10.47 22.12 -2.68
C PHE A 32 -11.30 23.35 -3.14
N ILE A 33 -12.36 23.14 -3.92
CA ILE A 33 -13.20 24.25 -4.29
C ILE A 33 -14.67 23.87 -4.19
N HIS A 34 -15.32 24.43 -3.16
CA HIS A 34 -16.75 24.29 -2.98
C HIS A 34 -17.41 25.54 -3.59
N TRP A 35 -17.94 25.32 -4.78
CA TRP A 35 -18.54 26.36 -5.56
C TRP A 35 -19.84 25.89 -6.18
N GLY A 36 -20.89 26.66 -6.01
CA GLY A 36 -22.15 26.27 -6.62
C GLY A 36 -23.20 27.33 -6.40
N ILE A 37 -24.49 27.01 -6.64
CA ILE A 37 -25.51 28.01 -6.46
C ILE A 37 -25.67 28.52 -5.02
N TYR A 38 -25.13 27.75 -4.05
CA TYR A 38 -25.16 28.17 -2.64
C TYR A 38 -24.18 29.27 -2.42
N SER A 39 -23.23 29.45 -3.33
CA SER A 39 -22.26 30.55 -3.25
C SER A 39 -22.95 31.93 -3.39
N VAL A 40 -24.09 31.98 -4.11
CA VAL A 40 -24.88 33.21 -4.30
C VAL A 40 -25.36 33.76 -2.95
N PRO A 41 -26.23 33.01 -2.23
CA PRO A 41 -26.57 33.65 -0.94
C PRO A 41 -25.29 33.74 -0.10
N GLY A 42 -24.38 32.77 -0.31
CA GLY A 42 -23.12 32.74 0.43
C GLY A 42 -23.26 33.17 1.89
N TRP A 43 -24.05 32.43 2.67
CA TRP A 43 -24.32 32.83 4.06
C TRP A 43 -24.50 31.68 5.04
N ALA A 44 -23.92 31.82 6.22
CA ALA A 44 -24.07 30.81 7.26
C ALA A 44 -23.71 31.47 8.59
N THR A 45 -24.12 30.86 9.69
CA THR A 45 -23.76 31.35 11.02
C THR A 45 -22.40 30.66 11.27
N PRO A 46 -21.30 31.43 11.41
CA PRO A 46 -19.98 30.82 11.65
C PRO A 46 -19.78 30.29 13.09
N THR A 47 -20.63 29.34 13.49
CA THR A 47 -20.65 28.72 14.82
C THR A 47 -19.38 28.09 15.41
N GLY A 48 -18.58 27.43 14.59
CA GLY A 48 -17.40 26.77 15.09
C GLY A 48 -16.91 25.71 14.11
N GLU A 49 -15.98 24.91 14.58
CA GLU A 49 -15.34 23.85 13.79
C GLU A 49 -15.99 22.49 13.96
N LEU A 50 -16.11 21.77 12.86
CA LEU A 50 -16.66 20.41 12.95
C LEU A 50 -15.85 19.62 13.99
N GLY A 51 -16.53 18.98 14.94
CA GLY A 51 -15.83 18.22 15.94
C GLY A 51 -15.83 18.96 17.26
N LYS A 52 -16.12 20.27 17.23
CA LYS A 52 -16.17 21.09 18.44
C LYS A 52 -17.60 21.57 18.70
N VAL A 53 -18.41 21.68 17.66
CA VAL A 53 -19.80 22.10 17.80
C VAL A 53 -20.70 20.90 18.19
N PRO A 54 -21.47 21.01 19.27
CA PRO A 54 -22.32 19.85 19.60
C PRO A 54 -23.29 19.51 18.42
N MET A 55 -23.37 18.21 18.08
CA MET A 55 -24.21 17.78 16.98
C MET A 55 -25.73 17.92 17.17
N ASP A 56 -26.14 18.30 18.37
CA ASP A 56 -27.55 18.52 18.73
C ASP A 56 -27.88 19.92 18.22
N ALA A 57 -26.87 20.70 17.87
CA ALA A 57 -27.17 22.04 17.39
C ALA A 57 -26.71 22.27 15.96
N TRP A 58 -25.64 21.60 15.60
CA TRP A 58 -24.98 21.75 14.32
C TRP A 58 -25.84 22.07 13.12
N PHE A 59 -26.82 21.21 12.82
CA PHE A 59 -27.68 21.44 11.64
C PHE A 59 -28.64 22.63 11.76
N PHE A 60 -28.85 23.10 12.98
CA PHE A 60 -29.72 24.27 13.23
C PHE A 60 -28.92 25.59 13.12
N GLN A 61 -27.60 25.54 13.31
CA GLN A 61 -26.70 26.69 13.25
C GLN A 61 -25.50 26.23 12.42
N ASN A 62 -25.78 25.72 11.24
CA ASN A 62 -24.74 25.17 10.38
C ASN A 62 -23.71 26.18 9.86
N PRO A 63 -22.41 25.98 10.19
CA PRO A 63 -21.36 26.88 9.71
C PRO A 63 -20.98 26.63 8.21
N TYR A 64 -21.42 25.51 7.66
CA TYR A 64 -21.12 25.22 6.27
C TYR A 64 -22.12 25.94 5.39
N ALA A 65 -21.67 27.02 4.78
CA ALA A 65 -22.58 27.76 3.95
C ALA A 65 -23.10 26.92 2.77
N GLU A 66 -22.39 25.87 2.35
CA GLU A 66 -22.88 25.07 1.24
C GLU A 66 -24.12 24.23 1.61
N TRP A 67 -24.44 24.17 2.91
CA TRP A 67 -25.62 23.43 3.41
C TRP A 67 -26.84 24.35 3.48
N TYR A 68 -26.73 25.50 2.82
CA TYR A 68 -27.78 26.51 2.84
C TYR A 68 -29.19 25.95 2.63
N GLU A 69 -29.38 25.15 1.57
CA GLU A 69 -30.69 24.56 1.29
C GLU A 69 -31.25 23.71 2.47
N ASN A 70 -30.38 22.91 3.07
CA ASN A 70 -30.80 22.08 4.19
C ASN A 70 -31.21 23.02 5.36
N SER A 71 -30.39 24.03 5.60
CA SER A 71 -30.72 24.99 6.68
C SER A 71 -32.04 25.73 6.32
N LEU A 72 -32.19 26.13 5.05
CA LEU A 72 -33.40 26.78 4.61
C LEU A 72 -34.64 25.97 4.90
N ARG A 73 -34.54 24.65 4.71
CA ARG A 73 -35.69 23.77 4.99
C ARG A 73 -36.04 23.65 6.47
N ILE A 74 -35.14 24.00 7.38
CA ILE A 74 -35.46 23.92 8.79
C ILE A 74 -36.02 25.33 9.06
N LYS A 75 -37.35 25.48 9.19
CA LYS A 75 -37.94 26.80 9.41
C LYS A 75 -37.48 27.37 10.71
N GLU A 76 -37.31 28.67 10.79
CA GLU A 76 -36.83 29.17 12.08
C GLU A 76 -35.42 28.55 12.42
N SER A 77 -34.58 28.60 11.39
CA SER A 77 -33.20 28.28 11.50
C SER A 77 -32.79 29.71 11.13
N PRO A 78 -31.64 30.18 11.61
CA PRO A 78 -31.15 31.53 11.30
C PRO A 78 -31.13 31.76 9.77
N THR A 79 -30.82 30.70 9.01
CA THR A 79 -30.79 30.73 7.53
C THR A 79 -32.17 31.03 6.92
N TRP A 80 -33.19 30.43 7.51
CA TRP A 80 -34.55 30.58 7.07
C TRP A 80 -34.92 32.07 7.28
N GLU A 81 -34.62 32.62 8.47
CA GLU A 81 -34.90 34.03 8.78
C GLU A 81 -34.19 34.94 7.77
N TYR A 82 -32.90 34.68 7.54
CA TYR A 82 -32.13 35.45 6.59
C TYR A 82 -32.67 35.37 5.16
N HIS A 83 -33.03 34.18 4.73
CA HIS A 83 -33.54 34.00 3.39
C HIS A 83 -34.85 34.78 3.13
N VAL A 84 -35.80 34.66 4.06
CA VAL A 84 -37.09 35.31 3.96
C VAL A 84 -36.91 36.84 3.92
N LYS A 85 -36.09 37.41 4.80
CA LYS A 85 -35.87 38.88 4.77
C LYS A 85 -35.05 39.37 3.53
N THR A 86 -34.21 38.50 2.99
CA THR A 86 -33.32 38.89 1.91
C THR A 86 -33.87 38.54 0.51
N TYR A 87 -34.42 37.34 0.39
CA TYR A 87 -34.86 36.88 -0.90
C TYR A 87 -36.35 36.71 -0.98
N GLY A 88 -36.99 36.52 0.16
CA GLY A 88 -38.41 36.34 0.19
C GLY A 88 -38.87 34.93 0.44
N GLU A 89 -40.06 34.79 1.00
CA GLU A 89 -40.59 33.48 1.29
C GLU A 89 -40.95 32.68 0.04
N ASN A 90 -41.11 33.37 -1.09
CA ASN A 90 -41.50 32.71 -2.31
C ASN A 90 -40.30 32.47 -3.21
N PHE A 91 -39.09 32.59 -2.68
CA PHE A 91 -37.94 32.36 -3.55
C PHE A 91 -37.31 30.98 -3.22
N GLU A 92 -37.67 29.97 -4.03
CA GLU A 92 -37.18 28.61 -3.87
C GLU A 92 -35.67 28.59 -3.96
N TYR A 93 -35.08 27.64 -3.27
CA TYR A 93 -33.65 27.49 -3.32
C TYR A 93 -33.15 27.31 -4.78
N GLU A 94 -33.84 26.48 -5.57
CA GLU A 94 -33.44 26.22 -6.95
C GLU A 94 -33.22 27.46 -7.79
N LYS A 95 -34.00 28.49 -7.48
CA LYS A 95 -33.96 29.76 -8.19
C LYS A 95 -32.58 30.39 -8.16
N PHE A 96 -31.76 30.05 -7.15
CA PHE A 96 -30.38 30.56 -7.14
C PHE A 96 -29.60 30.09 -8.39
N ALA A 97 -29.96 28.96 -9.00
CA ALA A 97 -29.28 28.53 -10.21
C ALA A 97 -29.38 29.66 -11.29
N ASP A 98 -30.43 30.46 -11.23
CA ASP A 98 -30.57 31.55 -12.22
C ASP A 98 -29.69 32.76 -11.84
N LEU A 99 -29.32 32.86 -10.58
CA LEU A 99 -28.52 33.97 -10.17
C LEU A 99 -27.05 33.61 -10.16
N PHE A 100 -26.75 32.32 -10.29
CA PHE A 100 -25.38 31.88 -10.32
C PHE A 100 -24.83 32.10 -11.73
N THR A 101 -24.30 33.29 -11.98
CA THR A 101 -23.82 33.62 -13.34
C THR A 101 -22.33 33.53 -13.62
N ALA A 102 -21.48 33.53 -12.59
CA ALA A 102 -20.05 33.40 -12.79
C ALA A 102 -19.55 34.45 -13.82
N GLU A 103 -20.19 35.61 -13.85
CA GLU A 103 -19.86 36.70 -14.77
C GLU A 103 -18.40 37.17 -14.75
N LYS A 104 -17.73 37.10 -13.60
CA LYS A 104 -16.34 37.53 -13.50
C LYS A 104 -15.40 36.34 -13.44
N TRP A 105 -15.85 35.16 -13.85
CA TRP A 105 -14.99 33.99 -13.73
C TRP A 105 -13.85 33.89 -14.75
N ASP A 106 -12.65 33.61 -14.26
CA ASP A 106 -11.51 33.42 -15.15
C ASP A 106 -10.74 32.18 -14.68
N PRO A 107 -11.06 31.02 -15.23
CA PRO A 107 -10.36 29.84 -14.77
C PRO A 107 -8.83 29.83 -14.84
N GLN A 108 -8.21 30.47 -15.83
CA GLN A 108 -6.74 30.45 -15.86
C GLN A 108 -6.18 31.26 -14.71
N GLU A 109 -6.92 32.30 -14.34
CA GLU A 109 -6.59 33.14 -13.21
C GLU A 109 -6.66 32.30 -11.92
N TRP A 110 -7.69 31.47 -11.74
CA TRP A 110 -7.76 30.59 -10.57
C TRP A 110 -6.57 29.63 -10.57
N ALA A 111 -6.36 29.00 -11.74
CA ALA A 111 -5.30 28.01 -11.88
C ALA A 111 -3.94 28.59 -11.51
N ASP A 112 -3.74 29.84 -11.89
CA ASP A 112 -2.48 30.52 -11.64
C ASP A 112 -2.37 30.81 -10.14
N LEU A 113 -3.46 31.28 -9.53
CA LEU A 113 -3.42 31.57 -8.10
C LEU A 113 -3.10 30.27 -7.37
N PHE A 114 -3.72 29.17 -7.76
CA PHE A 114 -3.46 27.89 -7.06
C PHE A 114 -2.04 27.42 -7.27
N LYS A 115 -1.52 27.60 -8.48
CA LYS A 115 -0.12 27.23 -8.71
C LYS A 115 0.77 28.17 -7.84
N LYS A 116 0.52 29.47 -7.90
CA LYS A 116 1.30 30.40 -7.10
C LYS A 116 1.17 30.04 -5.62
N ALA A 117 0.01 29.57 -5.18
CA ALA A 117 -0.17 29.18 -3.77
C ALA A 117 0.63 27.94 -3.37
N GLY A 118 1.23 27.25 -4.35
CA GLY A 118 2.00 26.08 -4.00
C GLY A 118 1.22 24.77 -4.11
N ALA A 119 -0.06 24.80 -4.53
CA ALA A 119 -0.82 23.58 -4.65
C ALA A 119 -0.41 22.76 -5.92
N LYS A 120 -0.50 21.45 -5.83
CA LYS A 120 -0.16 20.57 -6.93
C LYS A 120 -1.39 19.91 -7.55
N TYR A 121 -2.56 20.04 -6.92
CA TYR A 121 -3.78 19.46 -7.50
C TYR A 121 -4.99 20.26 -7.01
N VAL A 122 -6.03 20.24 -7.80
CA VAL A 122 -7.23 21.01 -7.56
C VAL A 122 -8.43 20.12 -7.74
N ILE A 123 -9.38 20.24 -6.82
CA ILE A 123 -10.60 19.43 -6.85
C ILE A 123 -11.88 20.27 -6.63
N PRO A 124 -12.60 20.51 -7.71
CA PRO A 124 -13.82 21.27 -7.53
C PRO A 124 -14.98 20.34 -7.25
N THR A 125 -16.03 20.89 -6.65
CA THR A 125 -17.29 20.23 -6.39
C THR A 125 -18.01 20.16 -7.73
N THR A 126 -18.14 18.97 -8.34
CA THR A 126 -18.89 18.83 -9.61
C THR A 126 -20.39 18.77 -9.28
N LYS A 127 -20.70 18.24 -8.10
CA LYS A 127 -22.07 18.15 -7.62
C LYS A 127 -22.04 18.01 -6.11
N HIS A 128 -22.51 19.01 -5.41
CA HIS A 128 -22.58 18.94 -3.98
C HIS A 128 -23.97 18.37 -3.54
N HIS A 129 -24.25 18.43 -2.26
CA HIS A 129 -25.49 17.86 -1.75
C HIS A 129 -26.78 18.40 -2.36
N ASP A 130 -26.80 19.65 -2.83
CA ASP A 130 -28.02 20.23 -3.37
C ASP A 130 -28.29 19.62 -4.76
N GLY A 131 -27.38 18.77 -5.22
CA GLY A 131 -27.58 18.14 -6.51
C GLY A 131 -27.35 18.92 -7.78
N PHE A 132 -26.92 20.17 -7.69
CA PHE A 132 -26.67 20.97 -8.89
C PHE A 132 -25.28 20.60 -9.47
N CYS A 133 -25.24 20.27 -10.76
CA CYS A 133 -24.03 19.84 -11.47
C CYS A 133 -23.33 20.92 -12.25
N LEU A 134 -22.03 21.10 -11.98
CA LEU A 134 -21.26 22.13 -12.62
C LEU A 134 -20.66 21.70 -13.96
N TRP A 135 -21.35 20.80 -14.69
CA TRP A 135 -20.86 20.34 -16.02
C TRP A 135 -22.08 19.94 -16.81
N GLY A 136 -21.97 19.87 -18.13
CA GLY A 136 -23.11 19.54 -18.95
C GLY A 136 -23.50 18.08 -18.88
N THR A 137 -23.85 17.59 -17.70
CA THR A 137 -24.24 16.20 -17.56
C THR A 137 -25.50 15.95 -18.41
N LYS A 138 -25.69 14.75 -18.86
CA LYS A 138 -26.88 14.55 -19.64
C LYS A 138 -27.94 13.90 -18.80
N TYR A 139 -27.63 13.69 -17.52
CA TYR A 139 -28.59 13.00 -16.65
C TYR A 139 -29.50 13.87 -15.79
N THR A 140 -29.31 15.19 -15.89
CA THR A 140 -30.17 16.16 -15.25
C THR A 140 -30.02 17.52 -15.95
N ASP A 141 -31.11 18.30 -15.99
CA ASP A 141 -31.03 19.68 -16.54
C ASP A 141 -30.65 20.69 -15.49
N PHE A 142 -30.52 20.26 -14.23
CA PHE A 142 -30.17 21.15 -13.13
C PHE A 142 -28.66 21.14 -13.07
N ASN A 143 -28.04 21.84 -14.03
CA ASN A 143 -26.59 21.88 -14.22
C ASN A 143 -26.22 23.24 -14.82
N SER A 144 -24.96 23.62 -14.65
CA SER A 144 -24.48 24.91 -15.07
C SER A 144 -24.52 25.24 -16.59
N VAL A 145 -24.70 24.23 -17.44
CA VAL A 145 -24.74 24.50 -18.88
C VAL A 145 -26.15 24.96 -19.30
N LYS A 146 -27.17 24.36 -18.68
CA LYS A 146 -28.56 24.70 -18.94
C LYS A 146 -29.09 25.91 -18.12
N ARG A 147 -28.45 26.21 -16.99
CA ARG A 147 -28.88 27.30 -16.11
C ARG A 147 -27.70 28.13 -15.69
N GLY A 148 -27.95 29.23 -15.00
CA GLY A 148 -26.89 30.07 -14.50
C GLY A 148 -25.82 30.53 -15.48
N PRO A 149 -24.59 30.01 -15.38
CA PRO A 149 -23.45 30.36 -16.23
C PRO A 149 -23.55 29.96 -17.71
N LYS A 150 -24.35 28.95 -18.01
CA LYS A 150 -24.49 28.44 -19.38
C LYS A 150 -23.08 28.05 -19.80
N ARG A 151 -22.36 27.44 -18.88
CA ARG A 151 -20.99 27.07 -19.12
C ARG A 151 -20.56 25.78 -18.42
N ASP A 152 -19.66 25.03 -19.04
CA ASP A 152 -19.16 23.85 -18.41
C ASP A 152 -17.99 24.27 -17.53
N LEU A 153 -18.30 24.52 -16.26
CA LEU A 153 -17.33 24.92 -15.26
C LEU A 153 -16.29 23.86 -14.94
N VAL A 154 -16.72 22.60 -14.79
CA VAL A 154 -15.80 21.51 -14.48
C VAL A 154 -14.85 21.43 -15.66
N GLY A 155 -15.39 21.35 -16.89
CA GLY A 155 -14.53 21.26 -18.05
C GLY A 155 -13.54 22.40 -18.23
N ASP A 156 -14.04 23.64 -18.16
CA ASP A 156 -13.17 24.80 -18.36
C ASP A 156 -12.18 24.91 -17.23
N LEU A 157 -12.54 24.51 -16.03
CA LEU A 157 -11.57 24.59 -14.98
C LEU A 157 -10.53 23.49 -15.16
N ALA A 158 -10.96 22.30 -15.64
CA ALA A 158 -10.01 21.17 -15.80
C ALA A 158 -8.90 21.53 -16.84
N LYS A 159 -9.30 22.19 -17.93
CA LYS A 159 -8.35 22.63 -18.94
C LYS A 159 -7.36 23.65 -18.30
N ALA A 160 -7.90 24.66 -17.61
CA ALA A 160 -7.04 25.67 -16.98
C ALA A 160 -6.06 25.11 -15.97
N VAL A 161 -6.56 24.20 -15.14
CA VAL A 161 -5.70 23.65 -14.14
C VAL A 161 -4.61 22.81 -14.76
N ARG A 162 -4.98 22.00 -15.75
CA ARG A 162 -3.98 21.16 -16.42
C ARG A 162 -2.96 22.04 -17.17
N GLU A 163 -3.43 23.16 -17.73
CA GLU A 163 -2.56 24.09 -18.43
C GLU A 163 -1.50 24.63 -17.53
N ALA A 164 -1.86 24.82 -16.25
CA ALA A 164 -0.94 25.35 -15.26
C ALA A 164 -0.06 24.21 -14.76
N GLY A 165 -0.29 23.01 -15.28
CA GLY A 165 0.55 21.89 -14.90
C GLY A 165 0.16 21.26 -13.59
N LEU A 166 -1.06 21.50 -13.11
CA LEU A 166 -1.49 20.89 -11.86
C LEU A 166 -2.43 19.70 -12.15
N ARG A 167 -2.53 18.77 -11.18
CA ARG A 167 -3.43 17.59 -11.32
C ARG A 167 -4.85 18.07 -11.01
N PHE A 168 -5.80 17.47 -11.73
CA PHE A 168 -7.23 17.78 -11.57
C PHE A 168 -8.08 16.59 -11.11
N GLY A 169 -8.80 16.76 -10.01
CA GLY A 169 -9.63 15.69 -9.51
C GLY A 169 -11.07 16.19 -9.41
N VAL A 170 -12.00 15.30 -9.05
CA VAL A 170 -13.38 15.72 -8.96
C VAL A 170 -14.04 15.30 -7.69
N TYR A 171 -14.78 16.22 -7.09
CA TYR A 171 -15.54 15.94 -5.89
C TYR A 171 -16.97 15.63 -6.39
N TYR A 172 -17.57 14.56 -5.86
CA TYR A 172 -18.95 14.21 -6.23
C TYR A 172 -19.70 13.80 -4.97
N SER A 173 -20.91 14.30 -4.81
CA SER A 173 -21.65 13.95 -3.61
C SER A 173 -22.49 12.69 -3.88
N GLY A 174 -21.89 11.50 -3.76
CA GLY A 174 -22.65 10.30 -4.02
C GLY A 174 -23.68 10.04 -2.94
N GLY A 175 -23.30 10.31 -1.68
CA GLY A 175 -24.18 10.02 -0.56
C GLY A 175 -25.44 10.90 -0.35
N LEU A 176 -25.40 12.14 -0.79
CA LEU A 176 -26.55 13.01 -0.57
C LEU A 176 -26.90 13.78 -1.87
N ASP A 177 -28.18 13.97 -2.09
CA ASP A 177 -28.67 14.74 -3.25
C ASP A 177 -30.07 15.19 -2.81
N TRP A 178 -30.16 16.45 -2.39
CA TRP A 178 -31.44 16.99 -1.92
C TRP A 178 -32.53 17.18 -3.00
N ARG A 179 -32.19 16.81 -4.24
CA ARG A 179 -33.12 16.80 -5.34
C ARG A 179 -33.93 15.50 -5.21
N PHE A 180 -33.51 14.58 -4.34
CA PHE A 180 -34.26 13.33 -4.17
C PHE A 180 -34.90 13.24 -2.78
N THR A 181 -34.85 14.31 -2.00
CA THR A 181 -35.48 14.26 -0.67
C THR A 181 -36.22 15.56 -0.46
N THR A 182 -37.09 15.62 0.53
CA THR A 182 -37.80 16.86 0.81
C THR A 182 -37.50 17.30 2.22
N GLU A 183 -37.21 16.35 3.07
CA GLU A 183 -37.03 16.66 4.46
C GLU A 183 -35.56 17.01 4.79
N PRO A 184 -35.33 17.99 5.66
CA PRO A 184 -33.97 18.37 6.03
C PRO A 184 -33.38 17.42 7.08
N ILE A 185 -32.07 17.42 7.13
CA ILE A 185 -31.30 16.66 8.12
C ILE A 185 -31.27 17.62 9.35
N ARG A 186 -31.72 17.13 10.49
CA ARG A 186 -31.69 17.98 11.67
C ARG A 186 -30.73 17.47 12.70
N TYR A 187 -30.60 16.14 12.76
CA TYR A 187 -29.73 15.43 13.69
C TYR A 187 -28.92 14.39 12.92
N PRO A 188 -27.67 14.11 13.37
CA PRO A 188 -26.85 13.12 12.69
C PRO A 188 -27.69 11.86 12.33
N GLU A 189 -28.55 11.42 13.26
CA GLU A 189 -29.42 10.25 13.05
C GLU A 189 -30.24 10.24 11.75
N ASP A 190 -30.66 11.43 11.33
CA ASP A 190 -31.48 11.54 10.17
C ASP A 190 -30.76 11.05 8.93
N LEU A 191 -29.42 11.09 8.97
CA LEU A 191 -28.62 10.67 7.84
C LEU A 191 -28.79 9.20 7.59
N SER A 192 -29.24 8.45 8.60
CA SER A 192 -29.43 7.03 8.41
C SER A 192 -30.63 6.74 7.51
N TYR A 193 -31.59 7.66 7.41
CA TYR A 193 -32.70 7.35 6.54
C TYR A 193 -33.11 8.46 5.55
N ILE A 194 -32.70 9.69 5.77
CA ILE A 194 -33.08 10.72 4.78
C ILE A 194 -31.98 10.81 3.69
N ARG A 195 -32.13 9.93 2.69
CA ARG A 195 -31.18 9.72 1.59
C ARG A 195 -32.04 9.37 0.38
N PRO A 196 -31.50 9.50 -0.86
CA PRO A 196 -32.32 9.17 -2.03
C PRO A 196 -32.98 7.81 -1.94
N ASN A 197 -32.21 6.80 -1.55
CA ASN A 197 -32.73 5.45 -1.33
C ASN A 197 -33.16 4.57 -2.49
N THR A 198 -33.40 5.15 -3.63
CA THR A 198 -33.89 4.39 -4.79
C THR A 198 -32.81 3.76 -5.68
N TYR A 199 -33.25 2.79 -6.47
CA TYR A 199 -32.40 2.12 -7.45
C TYR A 199 -32.06 3.21 -8.48
N GLU A 200 -33.06 4.02 -8.77
CA GLU A 200 -32.93 5.16 -9.68
C GLU A 200 -31.69 6.02 -9.30
N TYR A 201 -31.60 6.37 -8.00
CA TYR A 201 -30.49 7.21 -7.56
C TYR A 201 -29.14 6.50 -7.63
N ALA A 202 -29.12 5.22 -7.30
CA ALA A 202 -27.86 4.46 -7.37
C ALA A 202 -27.35 4.46 -8.84
N ASP A 203 -28.27 4.39 -9.81
CA ASP A 203 -27.89 4.40 -11.24
C ASP A 203 -27.41 5.80 -11.66
N TYR A 204 -28.09 6.83 -11.14
CA TYR A 204 -27.77 8.22 -11.47
C TYR A 204 -26.37 8.51 -10.97
N ALA A 205 -26.07 8.17 -9.73
CA ALA A 205 -24.75 8.43 -9.20
C ALA A 205 -23.69 7.65 -9.99
N TYR A 206 -23.94 6.39 -10.31
CA TYR A 206 -22.96 5.60 -11.05
C TYR A 206 -22.76 6.24 -12.44
N LYS A 207 -23.88 6.58 -13.06
CA LYS A 207 -23.80 7.16 -14.38
C LYS A 207 -23.12 8.48 -14.40
N GLN A 208 -23.29 9.27 -13.35
CA GLN A 208 -22.64 10.56 -13.40
C GLN A 208 -21.16 10.45 -13.13
N VAL A 209 -20.71 9.56 -12.24
CA VAL A 209 -19.29 9.49 -12.02
C VAL A 209 -18.65 8.85 -13.26
N MET A 210 -19.31 7.86 -13.88
CA MET A 210 -18.80 7.28 -15.09
C MET A 210 -18.61 8.41 -16.15
N GLU A 211 -19.58 9.33 -16.23
CA GLU A 211 -19.53 10.44 -17.18
C GLU A 211 -18.39 11.37 -16.82
N LEU A 212 -18.12 11.60 -15.53
CA LEU A 212 -16.99 12.47 -15.16
C LEU A 212 -15.66 11.79 -15.58
N VAL A 213 -15.62 10.45 -15.45
CA VAL A 213 -14.44 9.67 -15.82
C VAL A 213 -14.26 9.76 -17.34
N ASP A 214 -15.36 9.58 -18.08
CA ASP A 214 -15.29 9.66 -19.51
C ASP A 214 -14.90 11.00 -20.03
N LEU A 215 -15.52 12.08 -19.57
CA LEU A 215 -15.23 13.41 -20.09
C LEU A 215 -13.93 14.08 -19.63
N TYR A 216 -13.51 13.84 -18.37
CA TYR A 216 -12.38 14.53 -17.82
C TYR A 216 -11.27 13.70 -17.27
N LEU A 217 -11.48 12.39 -17.24
CA LEU A 217 -10.51 11.41 -16.70
C LEU A 217 -9.78 12.00 -15.51
N PRO A 218 -10.51 12.26 -14.43
CA PRO A 218 -9.85 12.85 -13.25
C PRO A 218 -8.73 12.08 -12.55
N ASP A 219 -7.82 12.83 -11.91
CA ASP A 219 -6.71 12.26 -11.15
C ASP A 219 -7.12 11.75 -9.76
N VAL A 220 -8.29 12.22 -9.30
CA VAL A 220 -8.83 11.83 -8.02
C VAL A 220 -10.36 11.79 -8.12
N LEU A 221 -10.97 10.74 -7.56
CA LEU A 221 -12.41 10.63 -7.47
C LEU A 221 -12.57 10.79 -5.99
N TRP A 222 -13.15 11.93 -5.62
CA TRP A 222 -13.30 12.27 -4.22
C TRP A 222 -14.78 12.26 -3.92
N ASN A 223 -15.29 11.12 -3.44
CA ASN A 223 -16.72 11.02 -3.16
C ASN A 223 -17.00 11.54 -1.74
N ASP A 224 -18.23 11.89 -1.46
CA ASP A 224 -18.53 12.37 -0.13
C ASP A 224 -19.82 11.69 0.33
N MET A 225 -19.92 11.49 1.64
CA MET A 225 -21.09 10.98 2.31
C MET A 225 -21.52 9.55 2.06
N GLY A 226 -20.59 8.72 1.64
CA GLY A 226 -20.93 7.34 1.37
C GLY A 226 -21.50 7.18 -0.02
N TRP A 227 -21.61 5.95 -0.46
CA TRP A 227 -22.13 5.65 -1.77
C TRP A 227 -23.40 4.92 -1.49
N PRO A 228 -24.48 5.23 -2.24
CA PRO A 228 -25.77 4.56 -2.05
C PRO A 228 -25.58 3.03 -1.96
N GLU A 229 -26.16 2.45 -0.91
CA GLU A 229 -26.07 1.01 -0.63
C GLU A 229 -26.38 0.10 -1.86
N LYS A 230 -27.49 0.39 -2.55
CA LYS A 230 -27.87 -0.36 -3.72
C LYS A 230 -26.83 -0.22 -4.81
N GLY A 231 -26.03 0.83 -4.74
CA GLY A 231 -25.03 1.00 -5.77
C GLY A 231 -23.62 0.55 -5.39
N LYS A 232 -23.39 0.12 -4.14
CA LYS A 232 -22.03 -0.28 -3.70
C LYS A 232 -21.31 -1.36 -4.56
N GLU A 233 -22.02 -2.41 -4.95
CA GLU A 233 -21.39 -3.40 -5.83
C GLU A 233 -20.91 -2.78 -7.16
N ASP A 234 -21.56 -1.70 -7.61
CA ASP A 234 -21.14 -1.04 -8.84
C ASP A 234 -19.70 -0.52 -8.75
N LEU A 235 -19.26 -0.12 -7.56
CA LEU A 235 -17.94 0.46 -7.40
C LEU A 235 -16.82 -0.44 -7.85
N LYS A 236 -16.96 -1.74 -7.68
CA LYS A 236 -15.95 -2.68 -8.19
C LYS A 236 -15.76 -2.44 -9.72
N TYR A 237 -16.86 -2.25 -10.41
CA TYR A 237 -16.80 -2.05 -11.83
C TYR A 237 -16.32 -0.62 -12.16
N LEU A 238 -16.81 0.38 -11.42
CA LEU A 238 -16.40 1.75 -11.68
C LEU A 238 -14.88 1.95 -11.38
N PHE A 239 -14.45 1.44 -10.22
CA PHE A 239 -13.03 1.61 -9.87
C PHE A 239 -12.15 0.86 -10.92
N ALA A 240 -12.57 -0.31 -11.42
CA ALA A 240 -11.71 -1.03 -12.41
C ALA A 240 -11.63 -0.30 -13.74
N TYR A 241 -12.80 0.16 -14.17
CA TYR A 241 -12.98 0.91 -15.40
C TYR A 241 -12.06 2.15 -15.34
N TYR A 242 -12.11 2.84 -14.21
CA TYR A 242 -11.33 4.04 -13.99
C TYR A 242 -9.81 3.73 -13.99
N TYR A 243 -9.39 2.77 -13.14
CA TYR A 243 -7.99 2.41 -13.07
C TYR A 243 -7.51 1.85 -14.38
N ASN A 244 -8.33 1.17 -15.16
CA ASN A 244 -7.81 0.69 -16.41
C ASN A 244 -7.61 1.83 -17.40
N LYS A 245 -8.40 2.90 -17.31
CA LYS A 245 -8.19 4.05 -18.21
C LYS A 245 -7.10 4.94 -17.65
N HIS A 246 -6.95 4.95 -16.33
CA HIS A 246 -6.00 5.87 -15.68
C HIS A 246 -5.35 5.24 -14.44
N PRO A 247 -4.37 4.39 -14.65
CA PRO A 247 -3.69 3.72 -13.54
C PRO A 247 -3.27 4.69 -12.44
N GLU A 248 -2.75 5.85 -12.82
CA GLU A 248 -2.34 6.85 -11.84
C GLU A 248 -3.51 7.60 -11.20
N GLY A 249 -4.75 7.18 -11.51
CA GLY A 249 -5.89 7.81 -10.85
C GLY A 249 -5.89 7.34 -9.38
N SER A 250 -6.79 7.93 -8.58
CA SER A 250 -6.89 7.63 -7.14
C SER A 250 -8.30 7.92 -6.60
N VAL A 251 -8.71 7.19 -5.54
CA VAL A 251 -10.01 7.41 -4.98
C VAL A 251 -9.89 7.60 -3.49
N ASN A 252 -10.82 8.34 -2.87
CA ASN A 252 -10.74 8.54 -1.43
C ASN A 252 -11.45 7.42 -0.66
N ASP A 253 -11.69 7.65 0.63
CA ASP A 253 -12.24 6.63 1.49
C ASP A 253 -13.67 6.88 1.97
N ARG A 254 -14.50 7.53 1.19
CA ARG A 254 -15.84 7.86 1.61
C ARG A 254 -16.91 7.19 0.77
N TRP A 255 -16.64 5.95 0.35
CA TRP A 255 -17.52 5.21 -0.49
C TRP A 255 -18.25 4.17 0.31
N GLY A 256 -17.68 3.81 1.47
CA GLY A 256 -18.30 2.77 2.28
C GLY A 256 -18.09 1.31 1.75
N VAL A 257 -17.03 1.06 0.95
CA VAL A 257 -16.72 -0.28 0.40
C VAL A 257 -15.27 -0.65 0.78
N PRO A 258 -14.86 -1.92 0.54
CA PRO A 258 -13.48 -2.35 0.87
C PRO A 258 -12.36 -1.49 0.35
N HIS A 259 -12.42 -1.00 -0.87
CA HIS A 259 -11.33 -0.22 -1.45
C HIS A 259 -11.29 1.29 -1.25
N TRP A 260 -10.05 1.82 -1.23
CA TRP A 260 -9.76 3.24 -1.13
C TRP A 260 -8.25 3.37 -1.30
N ASP A 261 -7.76 4.52 -1.75
CA ASP A 261 -6.32 4.71 -1.95
C ASP A 261 -5.75 5.62 -0.84
N PHE A 262 -6.60 6.47 -0.27
CA PHE A 262 -6.19 7.35 0.81
C PHE A 262 -7.41 7.68 1.66
N LYS A 263 -7.17 7.84 2.96
CA LYS A 263 -8.18 8.18 3.94
C LYS A 263 -8.26 9.74 4.11
N THR A 264 -9.33 10.17 4.76
CA THR A 264 -9.60 11.59 4.90
C THR A 264 -9.97 12.00 6.34
N ALA A 265 -9.68 13.23 6.69
CA ALA A 265 -10.03 13.76 8.01
C ALA A 265 -10.53 15.10 7.64
N GLU A 266 -11.55 15.55 8.35
CA GLU A 266 -12.22 16.84 8.13
C GLU A 266 -12.23 17.65 9.48
N TYR A 267 -11.61 18.83 9.49
CA TYR A 267 -11.43 19.57 10.75
C TYR A 267 -10.96 18.56 11.83
N HIS A 268 -11.58 18.55 13.01
CA HIS A 268 -11.16 17.66 14.10
C HIS A 268 -11.49 16.23 13.89
N VAL A 269 -12.42 15.97 12.97
CA VAL A 269 -12.88 14.62 12.71
C VAL A 269 -11.85 13.73 12.01
N ASN A 270 -11.43 12.68 12.72
CA ASN A 270 -10.45 11.71 12.24
C ASN A 270 -9.02 12.21 12.01
N TYR A 271 -8.68 13.30 12.69
CA TYR A 271 -7.35 13.87 12.58
C TYR A 271 -6.35 13.00 13.38
N PRO A 272 -5.34 12.44 12.73
CA PRO A 272 -4.39 11.61 13.50
C PRO A 272 -3.49 12.42 14.47
N GLY A 273 -3.14 11.81 15.58
CA GLY A 273 -2.33 12.47 16.58
C GLY A 273 -0.89 12.17 16.36
N ASP A 274 -0.64 11.09 15.62
CA ASP A 274 0.70 10.67 15.24
C ASP A 274 0.63 9.91 13.91
N LEU A 275 1.77 9.37 13.46
CA LEU A 275 1.82 8.62 12.22
C LEU A 275 0.73 7.55 12.23
N PRO A 276 -0.11 7.51 11.17
CA PRO A 276 -1.22 6.54 11.03
C PRO A 276 -0.93 5.21 10.32
N GLY A 277 0.09 5.16 9.46
CA GLY A 277 0.35 3.90 8.80
C GLY A 277 -0.20 3.72 7.38
N TYR A 278 -0.95 4.71 6.89
CA TYR A 278 -1.51 4.69 5.52
C TYR A 278 -1.53 6.15 5.09
N LYS A 279 -1.70 6.39 3.80
CA LYS A 279 -1.79 7.73 3.29
C LYS A 279 -3.20 8.26 3.60
N TRP A 280 -3.25 9.53 3.95
CA TRP A 280 -4.49 10.25 4.27
C TRP A 280 -4.35 11.72 3.84
N GLU A 281 -5.43 12.44 3.98
CA GLU A 281 -5.49 13.81 3.54
C GLU A 281 -6.47 14.56 4.48
N PHE A 282 -5.95 15.67 4.98
CA PHE A 282 -6.66 16.55 5.88
C PHE A 282 -7.34 17.63 5.09
N THR A 283 -8.63 17.82 5.30
CA THR A 283 -9.32 18.87 4.59
C THR A 283 -10.07 19.80 5.58
N ARG A 284 -10.18 21.06 5.16
CA ARG A 284 -10.87 22.13 5.90
C ARG A 284 -10.91 23.37 5.01
N GLY A 285 -11.79 24.28 5.35
CA GLY A 285 -11.81 25.54 4.63
C GLY A 285 -10.79 26.50 5.29
N ILE A 286 -10.56 27.66 4.67
CA ILE A 286 -9.64 28.64 5.23
C ILE A 286 -10.34 29.20 6.50
N GLY A 287 -11.67 29.24 6.45
CA GLY A 287 -12.50 29.68 7.55
C GLY A 287 -13.22 28.45 8.08
N LEU A 288 -14.45 28.59 8.55
CA LEU A 288 -15.22 27.47 9.11
C LEU A 288 -16.18 26.81 8.09
N SER A 289 -16.29 27.38 6.90
CA SER A 289 -17.20 26.90 5.86
C SER A 289 -16.40 26.41 4.66
N PHE A 290 -17.08 25.65 3.82
CA PHE A 290 -16.42 25.27 2.57
C PHE A 290 -16.91 26.25 1.52
N GLY A 291 -18.20 26.42 1.44
CA GLY A 291 -18.73 27.38 0.49
C GLY A 291 -18.52 28.76 1.09
N TYR A 292 -18.45 29.75 0.18
CA TYR A 292 -18.31 31.13 0.54
C TYR A 292 -19.31 31.57 1.60
N ASN A 293 -18.81 32.12 2.70
CA ASN A 293 -19.69 32.66 3.78
C ASN A 293 -19.34 34.16 3.93
N ARG A 294 -20.23 35.04 3.47
CA ARG A 294 -20.00 36.47 3.62
C ARG A 294 -19.89 36.87 5.10
N ASN A 295 -20.34 36.01 6.00
CA ASN A 295 -20.27 36.31 7.45
C ASN A 295 -18.93 36.09 8.15
N GLU A 296 -17.96 35.45 7.49
CA GLU A 296 -16.68 35.20 8.11
C GLU A 296 -15.79 36.36 7.84
N GLY A 297 -15.02 36.72 8.85
CA GLY A 297 -14.07 37.81 8.69
C GLY A 297 -12.79 37.15 9.10
N PRO A 298 -11.72 37.94 9.24
CA PRO A 298 -10.43 37.34 9.64
C PRO A 298 -10.50 36.53 10.91
N GLU A 299 -11.34 36.92 11.85
CA GLU A 299 -11.42 36.16 13.10
C GLU A 299 -11.87 34.70 12.95
N HIS A 300 -12.46 34.35 11.80
CA HIS A 300 -12.91 32.95 11.61
C HIS A 300 -11.98 32.17 10.71
N MET A 301 -10.88 32.81 10.32
CA MET A 301 -9.92 32.21 9.41
C MET A 301 -8.55 31.97 9.97
N LEU A 302 -7.87 30.98 9.39
CA LEU A 302 -6.52 30.67 9.82
C LEU A 302 -5.64 31.77 9.28
N SER A 303 -4.57 32.05 10.01
CA SER A 303 -3.63 33.04 9.54
C SER A 303 -2.61 32.25 8.69
N VAL A 304 -1.81 32.98 7.89
CA VAL A 304 -0.77 32.36 7.08
C VAL A 304 0.07 31.44 7.97
N GLU A 305 0.49 31.96 9.10
CA GLU A 305 1.28 31.21 10.05
C GLU A 305 0.62 29.87 10.41
N GLN A 306 -0.67 29.92 10.77
CA GLN A 306 -1.44 28.71 11.14
C GLN A 306 -1.64 27.77 9.96
N LEU A 307 -1.76 28.32 8.74
CA LEU A 307 -1.84 27.45 7.56
C LEU A 307 -0.50 26.69 7.40
N VAL A 308 0.61 27.38 7.60
CA VAL A 308 1.92 26.76 7.48
C VAL A 308 2.09 25.66 8.55
N TYR A 309 1.81 25.99 9.79
CA TYR A 309 1.95 25.00 10.87
C TYR A 309 1.04 23.81 10.57
N THR A 310 -0.12 24.11 10.00
CA THR A 310 -1.06 23.07 9.65
C THR A 310 -0.45 22.14 8.60
N LEU A 311 -0.07 22.72 7.47
CA LEU A 311 0.52 21.94 6.42
C LEU A 311 1.67 21.12 6.93
N VAL A 312 2.52 21.71 7.77
CA VAL A 312 3.71 21.02 8.27
C VAL A 312 3.34 19.82 9.10
N ASP A 313 2.39 20.03 10.02
CA ASP A 313 1.91 18.96 10.89
C ASP A 313 1.33 17.82 10.05
N VAL A 314 0.41 18.13 9.14
CA VAL A 314 -0.21 17.13 8.30
C VAL A 314 0.87 16.28 7.56
N VAL A 315 1.81 16.99 6.94
CA VAL A 315 2.86 16.37 6.17
C VAL A 315 3.80 15.53 6.95
N SER A 316 4.12 15.95 8.16
CA SER A 316 5.06 15.19 8.98
C SER A 316 4.41 13.92 9.47
N LYS A 317 3.09 13.88 9.31
CA LYS A 317 2.32 12.69 9.70
C LYS A 317 1.92 11.86 8.45
N GLY A 318 2.48 12.17 7.29
CA GLY A 318 2.16 11.41 6.11
C GLY A 318 0.96 11.83 5.29
N GLY A 319 0.28 12.94 5.61
CA GLY A 319 -0.89 13.27 4.81
C GLY A 319 -0.66 14.40 3.82
N ASN A 320 -1.73 14.74 3.10
CA ASN A 320 -1.73 15.89 2.21
C ASN A 320 -2.70 16.90 2.86
N LEU A 321 -2.56 18.17 2.54
CA LEU A 321 -3.48 19.17 3.04
C LEU A 321 -4.34 19.48 1.84
N LEU A 322 -5.65 19.29 1.99
CA LEU A 322 -6.55 19.62 0.90
C LEU A 322 -7.32 20.86 1.46
N LEU A 323 -6.78 22.04 1.17
CA LEU A 323 -7.33 23.33 1.65
C LEU A 323 -8.38 23.89 0.73
N ASN A 324 -9.55 24.14 1.33
CA ASN A 324 -10.69 24.61 0.60
C ASN A 324 -10.77 26.11 0.36
N VAL A 325 -11.13 26.45 -0.88
CA VAL A 325 -11.39 27.82 -1.27
C VAL A 325 -12.90 27.87 -1.57
N GLY A 326 -13.56 28.93 -1.12
CA GLY A 326 -14.98 29.10 -1.38
C GLY A 326 -15.24 30.37 -2.20
N PRO A 327 -15.36 30.28 -3.54
CA PRO A 327 -15.61 31.42 -4.44
C PRO A 327 -16.99 32.04 -4.32
N LYS A 328 -17.14 33.28 -4.80
CA LYS A 328 -18.44 33.97 -4.78
C LYS A 328 -19.20 33.52 -6.01
N GLY A 329 -20.49 33.84 -6.05
CA GLY A 329 -21.29 33.45 -7.18
C GLY A 329 -20.77 34.04 -8.46
N ASP A 330 -20.07 35.15 -8.41
CA ASP A 330 -19.59 35.74 -9.62
C ASP A 330 -18.32 35.13 -10.16
N GLY A 331 -17.76 34.14 -9.47
CA GLY A 331 -16.54 33.51 -9.94
C GLY A 331 -15.25 34.13 -9.40
N THR A 332 -15.38 35.02 -8.43
CA THR A 332 -14.20 35.65 -7.89
C THR A 332 -13.86 34.97 -6.57
N ILE A 333 -12.61 35.05 -6.18
CA ILE A 333 -12.17 34.49 -4.95
C ILE A 333 -11.96 35.64 -3.97
N PRO A 334 -12.65 35.62 -2.82
CA PRO A 334 -12.51 36.68 -1.81
C PRO A 334 -11.05 36.99 -1.39
N ASP A 335 -10.69 38.28 -1.32
CA ASP A 335 -9.35 38.75 -0.90
C ASP A 335 -8.84 38.08 0.36
N LEU A 336 -9.67 37.91 1.38
CA LEU A 336 -9.18 37.26 2.58
C LEU A 336 -8.62 35.85 2.23
N GLN A 337 -9.27 35.14 1.30
CA GLN A 337 -8.80 33.82 0.95
C GLN A 337 -7.55 33.89 0.11
N LYS A 338 -7.62 34.71 -0.92
CA LYS A 338 -6.50 34.90 -1.80
C LYS A 338 -5.23 35.30 -1.01
N GLU A 339 -5.33 36.24 -0.07
CA GLU A 339 -4.12 36.65 0.64
C GLU A 339 -3.51 35.51 1.48
N ARG A 340 -4.35 34.67 2.07
CA ARG A 340 -3.84 33.54 2.82
C ARG A 340 -3.17 32.52 1.87
N LEU A 341 -3.79 32.24 0.73
CA LEU A 341 -3.21 31.33 -0.24
C LEU A 341 -1.79 31.82 -0.66
N LEU A 342 -1.69 33.10 -1.02
CA LEU A 342 -0.43 33.67 -1.49
C LEU A 342 0.64 33.66 -0.38
N GLY A 343 0.21 33.86 0.86
CA GLY A 343 1.15 33.86 1.95
C GLY A 343 1.77 32.47 2.13
N LEU A 344 0.91 31.46 1.99
CA LEU A 344 1.32 30.06 2.08
C LEU A 344 2.26 29.75 0.92
N GLY A 345 1.89 30.18 -0.28
CA GLY A 345 2.69 30.01 -1.48
C GLY A 345 4.08 30.60 -1.31
N GLU A 346 4.16 31.72 -0.60
CA GLU A 346 5.44 32.33 -0.37
C GLU A 346 6.28 31.47 0.55
N TRP A 347 5.70 30.97 1.64
CA TRP A 347 6.50 30.13 2.53
C TRP A 347 6.94 28.87 1.75
N LEU A 348 6.03 28.33 0.92
CA LEU A 348 6.36 27.13 0.18
C LEU A 348 7.44 27.37 -0.85
N ARG A 349 7.51 28.56 -1.45
CA ARG A 349 8.55 28.84 -2.43
C ARG A 349 9.93 28.77 -1.79
N LYS A 350 9.95 29.11 -0.52
CA LYS A 350 11.14 29.16 0.29
C LYS A 350 11.47 27.81 0.96
N TYR A 351 10.46 27.11 1.46
CA TYR A 351 10.74 25.88 2.18
C TYR A 351 10.25 24.57 1.49
N GLY A 352 9.70 24.74 0.29
CA GLY A 352 9.16 23.65 -0.49
C GLY A 352 9.94 22.36 -0.44
N ASP A 353 11.27 22.47 -0.47
CA ASP A 353 12.15 21.32 -0.44
C ASP A 353 12.03 20.42 0.79
N ALA A 354 11.54 20.98 1.89
CA ALA A 354 11.35 20.21 3.13
C ALA A 354 9.92 19.62 3.20
N ILE A 355 9.10 19.92 2.21
CA ILE A 355 7.72 19.45 2.18
C ILE A 355 7.43 18.49 1.02
N TYR A 356 7.51 19.01 -0.21
CA TYR A 356 7.23 18.25 -1.42
C TYR A 356 8.14 17.05 -1.54
N GLY A 357 7.59 15.95 -2.03
CA GLY A 357 8.38 14.75 -2.24
C GLY A 357 8.98 14.16 -1.00
N THR A 358 8.60 14.62 0.19
CA THR A 358 9.14 14.05 1.41
C THR A 358 8.38 12.79 1.90
N SER A 359 9.02 12.04 2.83
CA SER A 359 8.46 10.84 3.47
C SER A 359 8.43 11.14 4.95
N VAL A 360 7.72 10.32 5.72
CA VAL A 360 7.67 10.52 7.15
C VAL A 360 8.95 9.99 7.69
N TRP A 361 9.29 10.37 8.91
CA TRP A 361 10.50 9.91 9.52
C TRP A 361 10.06 8.87 10.57
N GLU A 362 10.92 8.54 11.53
CA GLU A 362 10.60 7.58 12.57
C GLU A 362 9.51 8.15 13.47
N ARG A 363 9.56 9.46 13.67
CA ARG A 363 8.58 10.14 14.49
C ARG A 363 8.27 11.44 13.77
N CYS A 364 7.08 11.95 14.02
CA CYS A 364 6.58 13.15 13.39
C CYS A 364 6.91 14.39 14.17
N CYS A 365 7.04 14.19 15.47
CA CYS A 365 7.07 15.33 16.35
C CYS A 365 8.05 15.41 17.51
N ALA A 366 8.32 16.63 17.96
CA ALA A 366 9.18 16.89 19.11
C ALA A 366 8.88 18.33 19.51
N LYS A 367 9.46 18.79 20.61
CA LYS A 367 9.27 20.18 21.05
C LYS A 367 10.53 20.65 21.74
N THR A 368 10.72 21.97 21.82
CA THR A 368 11.90 22.52 22.50
C THR A 368 11.66 22.68 24.03
N GLU A 369 12.73 22.81 24.78
CA GLU A 369 12.63 22.97 26.22
C GLU A 369 11.60 23.97 26.66
N ASP A 370 11.32 24.98 25.84
CA ASP A 370 10.35 25.96 26.23
C ASP A 370 9.06 25.94 25.43
N GLY A 371 8.75 24.75 24.92
CA GLY A 371 7.50 24.55 24.21
C GLY A 371 7.31 24.82 22.73
N THR A 372 8.36 25.08 21.98
CA THR A 372 8.14 25.30 20.55
C THR A 372 7.97 23.91 19.91
N GLU A 373 6.90 23.75 19.15
CA GLU A 373 6.66 22.44 18.53
C GLU A 373 7.56 22.22 17.31
N ILE A 374 8.01 20.98 17.16
CA ILE A 374 8.86 20.59 16.07
C ILE A 374 8.28 19.41 15.28
N ARG A 375 8.39 19.50 13.96
CA ARG A 375 7.91 18.43 13.11
C ARG A 375 9.04 17.98 12.17
N PHE A 376 9.10 16.69 11.89
CA PHE A 376 10.10 16.15 10.97
C PHE A 376 9.53 15.57 9.64
N THR A 377 10.33 15.67 8.57
CA THR A 377 10.02 15.09 7.26
C THR A 377 11.36 14.58 6.80
N ARG A 378 11.36 13.78 5.74
CA ARG A 378 12.59 13.15 5.29
C ARG A 378 12.75 12.99 3.78
N LYS A 379 13.98 12.94 3.32
CA LYS A 379 14.26 12.70 1.90
C LYS A 379 15.53 11.88 1.90
N CYS A 380 15.36 10.57 1.97
CA CYS A 380 16.47 9.63 2.01
C CYS A 380 17.24 9.89 3.31
N ASN A 381 18.52 10.23 3.18
CA ASN A 381 19.36 10.50 4.35
C ASN A 381 19.07 11.87 4.99
N ARG A 382 18.57 12.84 4.23
CA ARG A 382 18.27 14.17 4.76
C ARG A 382 17.02 14.27 5.69
N ILE A 383 17.20 14.76 6.91
CA ILE A 383 16.10 14.92 7.82
C ILE A 383 15.85 16.38 8.06
N PHE A 384 14.63 16.83 7.80
CA PHE A 384 14.29 18.25 7.99
C PHE A 384 13.64 18.46 9.35
N VAL A 385 14.18 19.43 10.09
CA VAL A 385 13.67 19.75 11.40
C VAL A 385 12.94 21.05 11.23
N ILE A 386 11.62 21.02 11.34
CA ILE A 386 10.82 22.21 11.15
C ILE A 386 10.15 22.62 12.43
N PHE A 387 10.60 23.78 12.90
CA PHE A 387 10.10 24.43 14.11
C PHE A 387 8.81 25.19 13.74
N LEU A 388 7.77 25.00 14.55
CA LEU A 388 6.54 25.70 14.29
C LEU A 388 6.78 27.02 15.01
N GLY A 389 7.56 27.87 14.39
CA GLY A 389 7.89 29.15 14.96
C GLY A 389 9.39 29.35 14.92
N ILE A 390 9.81 30.59 15.22
CA ILE A 390 11.22 30.88 15.23
C ILE A 390 11.69 31.21 16.65
N PRO A 391 12.57 30.36 17.23
CA PRO A 391 13.12 30.54 18.59
C PRO A 391 13.81 31.91 18.72
N THR A 392 13.72 32.52 19.91
CA THR A 392 14.34 33.84 20.19
C THR A 392 15.84 33.77 20.49
N GLY A 393 16.28 32.81 21.27
CA GLY A 393 17.68 32.76 21.59
C GLY A 393 18.45 31.86 20.68
N GLU A 394 19.77 31.92 20.74
CA GLU A 394 20.56 31.07 19.86
C GLU A 394 20.70 29.66 20.36
N LYS A 395 20.57 29.45 21.65
CA LYS A 395 20.71 28.11 22.18
C LYS A 395 19.38 27.39 22.16
N ILE A 396 19.33 26.29 21.40
CA ILE A 396 18.13 25.52 21.32
C ILE A 396 18.31 24.12 21.92
N VAL A 397 17.34 23.72 22.76
CA VAL A 397 17.33 22.40 23.39
C VAL A 397 16.03 21.67 22.96
N ILE A 398 16.20 20.58 22.22
CA ILE A 398 15.08 19.78 21.75
C ILE A 398 14.94 18.63 22.72
N GLU A 399 13.77 18.52 23.35
CA GLU A 399 13.54 17.47 24.31
C GLU A 399 13.32 16.10 23.65
N ASP A 400 13.90 15.08 24.24
CA ASP A 400 13.74 13.71 23.79
C ASP A 400 14.13 13.44 22.36
N LEU A 401 15.36 13.83 22.01
CA LEU A 401 15.84 13.60 20.66
C LEU A 401 17.33 13.52 20.61
N ASN A 402 17.84 12.49 19.97
CA ASN A 402 19.29 12.35 19.80
C ASN A 402 19.49 12.24 18.28
N LEU A 403 20.68 12.63 17.81
CA LEU A 403 20.97 12.54 16.40
C LEU A 403 22.28 11.81 16.21
N SER A 404 22.33 10.97 15.19
CA SER A 404 23.55 10.27 14.91
C SER A 404 23.88 10.69 13.50
N ALA A 405 23.86 12.00 13.24
CA ALA A 405 24.14 12.50 11.89
C ALA A 405 25.53 13.10 11.81
N GLY A 406 26.02 13.62 12.91
CA GLY A 406 27.34 14.23 12.84
C GLY A 406 27.32 15.56 12.09
N THR A 407 26.30 15.82 11.26
CA THR A 407 26.17 17.12 10.57
C THR A 407 24.75 17.68 10.41
N VAL A 408 24.48 18.78 11.12
CA VAL A 408 23.21 19.50 11.14
C VAL A 408 23.45 20.90 10.52
N ARG A 409 22.69 21.28 9.49
CA ARG A 409 22.87 22.56 8.81
C ARG A 409 21.68 23.44 8.98
N HIS A 410 21.82 24.71 8.63
CA HIS A 410 20.71 25.63 8.68
C HIS A 410 20.19 25.51 7.24
N PHE A 411 18.93 25.09 7.08
CA PHE A 411 18.32 24.86 5.77
C PHE A 411 18.41 25.97 4.74
N LEU A 412 17.98 27.15 5.10
CA LEU A 412 17.98 28.23 4.14
C LEU A 412 19.35 28.60 3.57
N THR A 413 20.33 28.76 4.45
CA THR A 413 21.69 29.15 4.07
C THR A 413 22.68 28.02 3.84
N GLY A 414 22.42 26.86 4.46
CA GLY A 414 23.31 25.73 4.31
C GLY A 414 24.35 25.74 5.41
N GLU A 415 24.42 26.81 6.18
CA GLU A 415 25.40 26.89 7.24
C GLU A 415 25.43 25.71 8.16
N ARG A 416 26.61 25.19 8.36
CA ARG A 416 26.82 24.06 9.22
C ARG A 416 26.74 24.65 10.63
N LEU A 417 26.08 23.92 11.51
CA LEU A 417 25.88 24.38 12.88
C LEU A 417 26.45 23.41 13.89
N SER A 418 26.63 23.96 15.10
CA SER A 418 27.18 23.24 16.23
C SER A 418 26.10 22.64 17.10
N PHE A 419 26.19 21.32 17.27
CA PHE A 419 25.22 20.59 18.07
C PHE A 419 25.91 19.40 18.77
N LYS A 420 25.21 18.89 19.77
CA LYS A 420 25.63 17.75 20.52
C LYS A 420 24.46 17.17 21.32
N ASN A 421 24.49 15.86 21.49
CA ASN A 421 23.50 15.12 22.24
C ASN A 421 23.84 15.29 23.73
N VAL A 422 22.92 15.92 24.46
CA VAL A 422 23.09 16.14 25.89
C VAL A 422 22.02 15.31 26.60
N GLY A 423 22.38 14.12 27.06
CA GLY A 423 21.41 13.30 27.75
C GLY A 423 20.33 12.84 26.80
N LYS A 424 19.07 12.92 27.24
CA LYS A 424 17.96 12.50 26.40
C LYS A 424 17.56 13.65 25.42
N ASN A 425 18.35 14.72 25.39
CA ASN A 425 18.06 15.86 24.55
C ASN A 425 19.12 16.11 23.47
N LEU A 426 18.83 17.08 22.61
CA LEU A 426 19.71 17.49 21.53
C LEU A 426 19.83 19.00 21.65
N GLU A 427 21.05 19.47 21.77
CA GLU A 427 21.29 20.89 21.93
C GLU A 427 21.98 21.44 20.67
N ILE A 428 21.51 22.60 20.21
CA ILE A 428 22.03 23.21 18.98
C ILE A 428 22.08 24.74 19.15
N THR A 429 23.05 25.37 18.49
CA THR A 429 23.26 26.80 18.54
C THR A 429 23.00 27.36 17.16
N VAL A 430 22.05 28.26 17.08
CA VAL A 430 21.74 28.80 15.79
C VAL A 430 21.95 30.30 15.94
N PRO A 431 22.96 30.83 15.25
CA PRO A 431 23.35 32.23 15.25
C PRO A 431 22.14 33.09 14.94
N LYS A 432 22.00 34.21 15.64
CA LYS A 432 20.84 35.03 15.41
C LYS A 432 20.74 35.56 13.98
N LYS A 433 21.86 35.70 13.28
CA LYS A 433 21.77 36.20 11.92
C LYS A 433 20.96 35.21 11.04
N LEU A 434 21.07 33.91 11.32
CA LEU A 434 20.35 32.88 10.59
C LEU A 434 18.88 32.82 11.04
N LEU A 435 18.65 32.85 12.35
CA LEU A 435 17.31 32.84 12.86
C LEU A 435 16.58 34.02 12.24
N GLU A 436 17.30 35.10 11.97
CA GLU A 436 16.62 36.25 11.42
C GLU A 436 16.32 36.12 9.97
N THR A 437 16.98 35.19 9.28
CA THR A 437 16.65 35.01 7.88
C THR A 437 15.40 34.11 7.62
N ASP A 438 15.04 33.27 8.58
CA ASP A 438 13.92 32.36 8.40
C ASP A 438 12.61 33.11 8.41
N SER A 439 11.60 32.57 7.73
CA SER A 439 10.36 33.32 7.72
C SER A 439 9.31 33.06 8.80
N ILE A 440 8.75 31.86 8.87
CA ILE A 440 7.70 31.61 9.88
C ILE A 440 8.16 30.41 10.69
N THR A 441 9.08 29.67 10.10
CA THR A 441 9.60 28.46 10.66
C THR A 441 11.14 28.45 10.58
N LEU A 442 11.77 27.98 11.63
CA LEU A 442 13.19 27.81 11.63
C LEU A 442 13.24 26.41 11.01
N VAL A 443 14.04 26.26 9.98
CA VAL A 443 14.17 24.92 9.41
C VAL A 443 15.59 24.46 9.42
N LEU A 444 15.83 23.33 10.05
CA LEU A 444 17.15 22.75 10.07
C LEU A 444 17.14 21.48 9.27
N GLU A 445 18.31 21.10 8.76
CA GLU A 445 18.49 19.94 7.92
C GLU A 445 19.57 19.04 8.50
N ALA A 446 19.24 17.83 8.92
CA ALA A 446 20.26 16.94 9.48
C ALA A 446 20.57 15.86 8.45
N VAL A 447 21.84 15.52 8.33
CA VAL A 447 22.31 14.50 7.39
C VAL A 447 23.17 13.48 8.15
N ARG B 7 -6.47 0.39 16.55
CA ARG B 7 -6.97 -1.00 16.49
C ARG B 7 -7.60 -1.20 15.11
N TYR B 8 -7.44 -2.37 14.52
CA TYR B 8 -8.07 -2.64 13.25
C TYR B 8 -9.46 -3.19 13.63
N LYS B 9 -10.48 -2.86 12.82
CA LYS B 9 -11.78 -3.38 13.13
C LYS B 9 -11.97 -4.51 12.16
N PRO B 10 -12.88 -5.43 12.46
CA PRO B 10 -13.12 -6.55 11.58
C PRO B 10 -13.94 -6.25 10.34
N ASP B 11 -13.43 -5.36 9.50
CA ASP B 11 -14.09 -5.13 8.25
C ASP B 11 -13.02 -4.84 7.21
N TRP B 12 -13.25 -5.25 5.97
CA TRP B 12 -12.29 -5.08 4.88
C TRP B 12 -11.75 -3.67 4.66
N GLU B 13 -12.59 -2.67 4.83
CA GLU B 13 -12.24 -1.27 4.65
C GLU B 13 -11.21 -0.88 5.73
N SER B 14 -11.43 -1.34 6.95
CA SER B 14 -10.50 -1.05 8.00
C SER B 14 -9.20 -1.84 7.87
N LEU B 15 -9.33 -3.16 7.57
CA LEU B 15 -8.15 -4.03 7.43
C LEU B 15 -7.26 -3.52 6.30
N ARG B 16 -7.85 -2.84 5.31
CA ARG B 16 -7.03 -2.28 4.21
C ARG B 16 -5.99 -1.25 4.73
N GLU B 17 -6.18 -0.66 5.91
CA GLU B 17 -5.20 0.23 6.53
C GLU B 17 -3.88 -0.49 6.83
N HIS B 18 -3.87 -1.82 6.87
CA HIS B 18 -2.66 -2.59 7.10
C HIS B 18 -1.95 -2.92 5.79
N THR B 19 -0.74 -2.44 5.62
CA THR B 19 -0.05 -2.82 4.40
C THR B 19 1.14 -3.69 4.71
N VAL B 20 1.75 -4.24 3.65
CA VAL B 20 2.85 -5.13 3.86
C VAL B 20 3.85 -4.46 4.82
N PRO B 21 4.29 -5.15 5.88
CA PRO B 21 5.23 -4.44 6.74
C PRO B 21 6.62 -4.22 6.12
N LYS B 22 7.30 -3.15 6.56
CA LYS B 22 8.66 -2.82 6.10
C LYS B 22 9.66 -3.97 6.16
N TRP B 23 9.64 -4.74 7.25
CA TRP B 23 10.61 -5.81 7.35
C TRP B 23 10.47 -6.83 6.20
N PHE B 24 9.23 -7.11 5.80
CA PHE B 24 9.00 -8.08 4.75
C PHE B 24 9.42 -7.51 3.39
N ASP B 25 9.09 -6.25 3.17
CA ASP B 25 9.48 -5.58 1.94
C ASP B 25 11.02 -5.56 1.78
N LYS B 26 11.74 -5.26 2.86
CA LYS B 26 13.19 -5.18 2.85
C LYS B 26 13.96 -6.52 2.91
N ALA B 27 13.31 -7.56 3.46
CA ALA B 27 13.92 -8.88 3.65
C ALA B 27 14.34 -9.61 2.38
N LYS B 28 13.53 -9.54 1.32
CA LYS B 28 13.85 -10.13 0.00
C LYS B 28 13.98 -11.63 -0.15
N PHE B 29 14.49 -12.31 0.88
CA PHE B 29 14.73 -13.75 0.79
C PHE B 29 14.31 -14.54 2.02
N GLY B 30 13.46 -15.52 1.81
CA GLY B 30 13.05 -16.32 2.95
C GLY B 30 13.10 -17.80 2.59
N ILE B 31 13.00 -18.67 3.58
CA ILE B 31 13.09 -20.08 3.36
C ILE B 31 11.73 -20.76 3.67
N PHE B 32 11.22 -21.52 2.69
CA PHE B 32 9.98 -22.28 2.83
C PHE B 32 10.41 -23.69 3.26
N ILE B 33 9.67 -24.33 4.13
CA ILE B 33 9.98 -25.69 4.50
C ILE B 33 8.76 -26.59 4.38
N HIS B 34 8.76 -27.48 3.41
CA HIS B 34 7.66 -28.47 3.29
C HIS B 34 8.16 -29.74 3.91
N TRP B 35 7.63 -30.06 5.08
CA TRP B 35 8.07 -31.25 5.84
C TRP B 35 6.88 -31.87 6.54
N GLY B 36 6.79 -33.18 6.45
CA GLY B 36 5.69 -33.88 7.07
C GLY B 36 5.87 -35.37 6.82
N ILE B 37 4.82 -36.14 7.07
CA ILE B 37 4.89 -37.58 6.93
C ILE B 37 5.14 -38.03 5.49
N TYR B 38 4.82 -37.19 4.52
CA TYR B 38 5.08 -37.50 3.14
C TYR B 38 6.58 -37.45 2.92
N SER B 39 7.33 -36.84 3.83
CA SER B 39 8.78 -36.79 3.67
C SER B 39 9.40 -38.19 3.84
N VAL B 40 8.65 -39.10 4.46
CA VAL B 40 9.14 -40.43 4.70
C VAL B 40 9.19 -41.14 3.36
N PRO B 41 8.04 -41.29 2.68
CA PRO B 41 8.31 -41.97 1.41
C PRO B 41 9.20 -41.13 0.49
N GLY B 42 9.10 -39.79 0.59
CA GLY B 42 9.91 -38.86 -0.18
C GLY B 42 10.08 -39.28 -1.63
N TRP B 43 8.95 -39.46 -2.36
CA TRP B 43 8.98 -39.94 -3.74
C TRP B 43 7.91 -39.32 -4.68
N ALA B 44 8.38 -38.93 -5.87
CA ALA B 44 7.53 -38.39 -6.95
C ALA B 44 8.26 -38.61 -8.29
N THR B 45 7.52 -38.52 -9.37
CA THR B 45 8.12 -38.63 -10.69
C THR B 45 8.44 -37.15 -11.00
N PRO B 46 9.74 -36.77 -11.06
CA PRO B 46 10.07 -35.37 -11.35
C PRO B 46 9.71 -34.99 -12.81
N THR B 47 8.42 -34.98 -13.10
CA THR B 47 7.91 -34.66 -14.43
C THR B 47 8.27 -33.30 -15.06
N GLY B 48 8.35 -32.24 -14.25
CA GLY B 48 8.64 -30.92 -14.79
C GLY B 48 8.11 -29.83 -13.89
N GLU B 49 8.13 -28.61 -14.40
CA GLU B 49 7.70 -27.43 -13.64
C GLU B 49 6.23 -27.07 -13.82
N LEU B 50 5.59 -26.66 -12.71
CA LEU B 50 4.19 -26.23 -12.74
C LEU B 50 4.05 -25.04 -13.72
N GLY B 51 3.11 -25.17 -14.65
CA GLY B 51 2.93 -24.16 -15.67
C GLY B 51 3.37 -24.67 -17.03
N LYS B 52 4.21 -25.71 -17.05
CA LYS B 52 4.69 -26.30 -18.30
C LYS B 52 4.09 -27.70 -18.52
N VAL B 53 3.93 -28.46 -17.43
CA VAL B 53 3.35 -29.80 -17.55
C VAL B 53 1.85 -29.68 -17.80
N PRO B 54 1.32 -30.31 -18.88
CA PRO B 54 -0.13 -30.24 -19.16
C PRO B 54 -0.94 -30.67 -17.92
N MET B 55 -2.03 -29.96 -17.64
CA MET B 55 -2.83 -30.26 -16.47
C MET B 55 -3.73 -31.52 -16.53
N ASP B 56 -3.85 -32.11 -17.71
CA ASP B 56 -4.59 -33.35 -17.88
C ASP B 56 -3.70 -34.56 -17.53
N ALA B 57 -2.42 -34.31 -17.27
CA ALA B 57 -1.47 -35.35 -16.87
C ALA B 57 -0.85 -35.05 -15.47
N TRP B 58 -0.77 -33.77 -15.12
CA TRP B 58 -0.14 -33.33 -13.88
C TRP B 58 -0.46 -34.14 -12.62
N PHE B 59 -1.74 -34.33 -12.27
CA PHE B 59 -2.07 -35.09 -11.04
C PHE B 59 -1.75 -36.58 -11.11
N PHE B 60 -1.58 -37.07 -12.33
CA PHE B 60 -1.30 -38.47 -12.57
C PHE B 60 0.19 -38.73 -12.50
N GLN B 61 0.97 -37.68 -12.59
CA GLN B 61 2.44 -37.79 -12.59
C GLN B 61 2.89 -36.56 -11.90
N ASN B 62 2.41 -36.44 -10.68
CA ASN B 62 2.69 -35.29 -9.88
C ASN B 62 4.14 -35.14 -9.41
N PRO B 63 4.81 -34.06 -9.82
CA PRO B 63 6.20 -33.87 -9.36
C PRO B 63 6.30 -33.39 -7.86
N TYR B 64 5.19 -32.93 -7.27
CA TYR B 64 5.14 -32.47 -5.86
C TYR B 64 5.05 -33.73 -4.98
N ALA B 65 6.18 -34.11 -4.38
CA ALA B 65 6.24 -35.32 -3.55
C ALA B 65 5.32 -35.20 -2.34
N GLU B 66 5.07 -33.96 -1.92
CA GLU B 66 4.18 -33.75 -0.78
C GLU B 66 2.73 -34.15 -1.13
N TRP B 67 2.43 -34.43 -2.42
CA TRP B 67 1.11 -34.80 -2.89
C TRP B 67 1.02 -36.31 -2.97
N TYR B 68 1.97 -36.99 -2.34
CA TYR B 68 2.01 -38.46 -2.33
C TYR B 68 0.67 -39.17 -2.01
N GLU B 69 -0.04 -38.75 -0.95
CA GLU B 69 -1.31 -39.39 -0.62
C GLU B 69 -2.34 -39.25 -1.73
N ASN B 70 -2.46 -38.06 -2.28
CA ASN B 70 -3.40 -37.86 -3.40
C ASN B 70 -3.01 -38.81 -4.59
N SER B 71 -1.72 -38.85 -4.89
CA SER B 71 -1.20 -39.69 -5.96
C SER B 71 -1.47 -41.15 -5.66
N LEU B 72 -1.28 -41.52 -4.41
CA LEU B 72 -1.47 -42.88 -3.94
C LEU B 72 -2.92 -43.31 -4.10
N ARG B 73 -3.81 -42.35 -3.90
CA ARG B 73 -5.24 -42.59 -4.06
C ARG B 73 -5.64 -42.84 -5.54
N ILE B 74 -4.78 -42.47 -6.50
CA ILE B 74 -5.06 -42.69 -7.91
C ILE B 74 -4.44 -44.05 -8.25
N LYS B 75 -5.21 -45.13 -8.23
CA LYS B 75 -4.67 -46.48 -8.54
C LYS B 75 -3.88 -46.52 -9.84
N GLU B 76 -2.80 -47.28 -9.82
CA GLU B 76 -1.96 -47.31 -11.02
C GLU B 76 -1.71 -45.84 -11.50
N SER B 77 -0.97 -45.12 -10.67
CA SER B 77 -0.45 -43.80 -10.99
C SER B 77 0.97 -44.29 -10.64
N PRO B 78 2.00 -43.59 -11.11
CA PRO B 78 3.31 -44.12 -10.73
C PRO B 78 3.44 -44.24 -9.18
N THR B 79 2.79 -43.38 -8.42
CA THR B 79 2.87 -43.50 -6.96
C THR B 79 2.23 -44.78 -6.40
N TRP B 80 1.09 -45.16 -6.94
CA TRP B 80 0.42 -46.33 -6.49
C TRP B 80 1.34 -47.56 -6.64
N GLU B 81 1.93 -47.68 -7.83
CA GLU B 81 2.82 -48.80 -8.13
C GLU B 81 4.05 -48.82 -7.27
N TYR B 82 4.67 -47.66 -7.12
CA TYR B 82 5.82 -47.55 -6.28
C TYR B 82 5.50 -47.94 -4.84
N HIS B 83 4.38 -47.45 -4.35
CA HIS B 83 4.01 -47.70 -2.98
C HIS B 83 3.72 -49.18 -2.68
N VAL B 84 3.00 -49.81 -3.61
CA VAL B 84 2.61 -51.21 -3.47
C VAL B 84 3.85 -52.09 -3.53
N LYS B 85 4.80 -51.73 -4.36
CA LYS B 85 6.03 -52.47 -4.45
C LYS B 85 6.97 -52.20 -3.30
N THR B 86 6.94 -51.01 -2.71
CA THR B 86 7.88 -50.72 -1.63
C THR B 86 7.32 -51.00 -0.23
N TYR B 87 6.08 -50.59 -0.01
CA TYR B 87 5.45 -50.71 1.30
C TYR B 87 4.31 -51.70 1.37
N GLY B 88 3.71 -52.03 0.23
CA GLY B 88 2.61 -52.98 0.20
C GLY B 88 1.23 -52.36 0.15
N GLU B 89 0.25 -53.17 -0.23
CA GLU B 89 -1.13 -52.72 -0.31
C GLU B 89 -1.84 -52.57 1.06
N ASN B 90 -1.38 -53.32 2.07
CA ASN B 90 -1.95 -53.24 3.42
C ASN B 90 -1.17 -52.15 4.17
N PHE B 91 -0.78 -51.08 3.48
CA PHE B 91 -0.02 -50.04 4.14
C PHE B 91 -0.64 -48.65 3.88
N GLU B 92 -1.55 -48.23 4.76
CA GLU B 92 -2.22 -46.91 4.67
C GLU B 92 -1.20 -45.77 4.74
N TYR B 93 -1.53 -44.70 4.07
CA TYR B 93 -0.73 -43.50 4.08
C TYR B 93 -0.51 -42.95 5.52
N GLU B 94 -1.53 -42.98 6.35
CA GLU B 94 -1.46 -42.48 7.70
C GLU B 94 -0.34 -43.13 8.52
N LYS B 95 -0.05 -44.40 8.21
CA LYS B 95 1.00 -45.14 8.88
C LYS B 95 2.37 -44.41 8.83
N PHE B 96 2.59 -43.55 7.82
CA PHE B 96 3.85 -42.83 7.71
C PHE B 96 3.98 -41.91 8.89
N ALA B 97 2.88 -41.51 9.53
CA ALA B 97 2.91 -40.64 10.72
C ALA B 97 3.72 -41.27 11.87
N ASP B 98 3.68 -42.59 11.94
CA ASP B 98 4.40 -43.31 12.96
C ASP B 98 5.83 -43.52 12.58
N LEU B 99 6.14 -43.46 11.30
CA LEU B 99 7.50 -43.63 10.84
C LEU B 99 8.25 -42.35 10.76
N PHE B 100 7.53 -41.25 10.89
CA PHE B 100 8.08 -39.91 10.83
C PHE B 100 8.68 -39.56 12.22
N THR B 101 9.91 -40.01 12.45
CA THR B 101 10.56 -39.81 13.75
C THR B 101 11.52 -38.64 13.91
N ALA B 102 11.92 -37.99 12.81
CA ALA B 102 12.78 -36.79 12.89
C ALA B 102 13.96 -37.03 13.85
N GLU B 103 14.42 -38.27 13.81
CA GLU B 103 15.50 -38.79 14.65
C GLU B 103 16.72 -37.93 14.70
N LYS B 104 17.06 -37.26 13.61
CA LYS B 104 18.26 -36.44 13.59
C LYS B 104 18.02 -34.95 13.48
N TRP B 105 16.83 -34.53 13.82
CA TRP B 105 16.47 -33.15 13.72
C TRP B 105 17.14 -32.26 14.74
N ASP B 106 17.63 -31.12 14.31
CA ASP B 106 18.29 -30.21 15.20
C ASP B 106 17.81 -28.81 14.74
N PRO B 107 16.74 -28.28 15.36
CA PRO B 107 16.29 -26.97 14.90
C PRO B 107 17.29 -25.84 14.82
N GLN B 108 18.26 -25.79 15.74
CA GLN B 108 19.30 -24.73 15.73
C GLN B 108 20.23 -24.91 14.53
N GLU B 109 20.55 -26.14 14.17
CA GLU B 109 21.33 -26.38 12.99
C GLU B 109 20.53 -25.85 11.74
N TRP B 110 19.22 -26.11 11.68
CA TRP B 110 18.40 -25.59 10.55
C TRP B 110 18.48 -24.07 10.48
N ALA B 111 18.31 -23.44 11.63
CA ALA B 111 18.31 -22.00 11.68
C ALA B 111 19.70 -21.44 11.34
N ASP B 112 20.77 -22.06 11.82
CA ASP B 112 22.13 -21.63 11.46
C ASP B 112 22.28 -21.71 9.95
N LEU B 113 21.88 -22.84 9.38
CA LEU B 113 21.96 -23.02 7.94
C LEU B 113 21.19 -21.90 7.18
N PHE B 114 19.92 -21.64 7.51
CA PHE B 114 19.12 -20.61 6.81
C PHE B 114 19.69 -19.19 6.98
N LYS B 115 20.25 -18.90 8.14
CA LYS B 115 20.84 -17.60 8.32
C LYS B 115 22.13 -17.51 7.42
N LYS B 116 22.90 -18.60 7.32
CA LYS B 116 24.10 -18.65 6.46
C LYS B 116 23.73 -18.50 4.96
N ALA B 117 22.55 -19.01 4.61
CA ALA B 117 22.06 -18.93 3.24
C ALA B 117 21.63 -17.50 2.92
N GLY B 118 21.56 -16.65 3.93
CA GLY B 118 21.16 -15.29 3.64
C GLY B 118 19.66 -15.05 3.81
N ALA B 119 18.87 -16.03 4.30
CA ALA B 119 17.42 -15.85 4.47
C ALA B 119 17.08 -15.02 5.69
N LYS B 120 16.07 -14.19 5.57
CA LYS B 120 15.64 -13.35 6.70
C LYS B 120 14.34 -13.84 7.36
N TYR B 121 13.72 -14.87 6.82
CA TYR B 121 12.53 -15.38 7.45
C TYR B 121 12.37 -16.80 7.04
N VAL B 122 11.68 -17.57 7.88
CA VAL B 122 11.46 -19.00 7.70
C VAL B 122 10.01 -19.36 7.88
N ILE B 123 9.49 -20.13 6.92
CA ILE B 123 8.04 -20.51 6.97
C ILE B 123 7.84 -22.00 6.74
N PRO B 124 7.66 -22.73 7.84
CA PRO B 124 7.46 -24.17 7.73
C PRO B 124 5.95 -24.51 7.51
N THR B 125 5.71 -25.68 6.92
CA THR B 125 4.34 -26.16 6.73
C THR B 125 3.82 -26.68 8.12
N THR B 126 2.91 -25.95 8.77
CA THR B 126 2.34 -26.44 10.04
C THR B 126 1.32 -27.54 9.77
N LYS B 127 0.75 -27.52 8.58
CA LYS B 127 -0.26 -28.52 8.15
C LYS B 127 -0.41 -28.46 6.65
N HIS B 128 -0.04 -29.53 5.94
CA HIS B 128 -0.19 -29.51 4.49
C HIS B 128 -1.52 -30.20 4.14
N HIS B 129 -1.76 -30.46 2.86
CA HIS B 129 -3.02 -31.02 2.39
C HIS B 129 -3.45 -32.31 3.04
N ASP B 130 -2.47 -33.12 3.47
CA ASP B 130 -2.78 -34.40 4.10
C ASP B 130 -3.33 -34.23 5.54
N GLY B 131 -3.46 -32.98 5.99
CA GLY B 131 -4.00 -32.73 7.32
C GLY B 131 -3.16 -33.04 8.55
N PHE B 132 -1.95 -33.59 8.37
CA PHE B 132 -1.07 -33.87 9.50
C PHE B 132 -0.47 -32.55 10.05
N CYS B 133 -0.67 -32.34 11.34
CA CYS B 133 -0.22 -31.13 12.02
C CYS B 133 1.11 -31.28 12.75
N LEU B 134 2.00 -30.29 12.55
CA LEU B 134 3.31 -30.31 13.14
C LEU B 134 3.44 -29.55 14.47
N TRP B 135 2.32 -29.30 15.14
CA TRP B 135 2.35 -28.68 16.47
C TRP B 135 1.36 -29.44 17.34
N GLY B 136 1.43 -29.32 18.66
CA GLY B 136 0.50 -30.03 19.49
C GLY B 136 -0.91 -29.41 19.48
N THR B 137 -1.57 -29.40 18.33
CA THR B 137 -2.90 -28.81 18.23
C THR B 137 -3.91 -29.54 19.08
N LYS B 138 -4.89 -28.83 19.62
CA LYS B 138 -5.85 -29.56 20.39
C LYS B 138 -7.08 -29.93 19.59
N TYR B 139 -7.04 -29.74 18.27
CA TYR B 139 -8.23 -30.04 17.48
C TYR B 139 -8.12 -31.30 16.69
N THR B 140 -6.94 -31.91 16.76
CA THR B 140 -6.72 -33.17 16.15
C THR B 140 -5.59 -33.91 16.83
N ASP B 141 -5.72 -35.23 16.85
CA ASP B 141 -4.69 -36.13 17.38
C ASP B 141 -3.72 -36.50 16.28
N PHE B 142 -4.08 -36.18 15.04
CA PHE B 142 -3.19 -36.49 13.91
C PHE B 142 -2.12 -35.36 13.86
N ASN B 143 -1.23 -35.35 14.85
CA ASN B 143 -0.24 -34.31 14.94
C ASN B 143 1.13 -34.87 15.43
N SER B 144 2.19 -34.09 15.29
CA SER B 144 3.55 -34.51 15.61
C SER B 144 3.86 -34.78 17.09
N VAL B 145 3.06 -34.19 17.99
CA VAL B 145 3.23 -34.39 19.44
C VAL B 145 2.70 -35.78 19.81
N LYS B 146 1.58 -36.19 19.21
CA LYS B 146 0.99 -37.49 19.47
C LYS B 146 1.54 -38.64 18.62
N ARG B 147 1.99 -38.32 17.43
CA ARG B 147 2.45 -39.34 16.53
C ARG B 147 3.91 -39.08 16.26
N GLY B 148 4.55 -39.98 15.50
CA GLY B 148 5.93 -39.84 15.12
C GLY B 148 7.00 -39.11 15.91
N PRO B 149 7.25 -37.82 15.66
CA PRO B 149 8.32 -37.13 16.41
C PRO B 149 8.14 -36.96 17.90
N LYS B 150 6.89 -37.02 18.37
CA LYS B 150 6.54 -36.82 19.79
C LYS B 150 7.12 -35.47 20.13
N ARG B 151 6.87 -34.49 19.29
CA ARG B 151 7.48 -33.21 19.50
C ARG B 151 6.76 -32.07 18.79
N ASP B 152 6.76 -30.88 19.40
CA ASP B 152 6.19 -29.69 18.79
C ASP B 152 7.24 -29.11 17.82
N LEU B 153 7.15 -29.53 16.57
CA LEU B 153 8.09 -29.14 15.54
C LEU B 153 7.95 -27.67 15.25
N VAL B 154 6.72 -27.20 15.15
CA VAL B 154 6.49 -25.78 14.86
C VAL B 154 7.08 -24.87 15.95
N GLY B 155 6.77 -25.17 17.22
CA GLY B 155 7.25 -24.35 18.31
C GLY B 155 8.76 -24.36 18.49
N ASP B 156 9.35 -25.54 18.35
CA ASP B 156 10.78 -25.69 18.48
C ASP B 156 11.52 -25.00 17.35
N LEU B 157 10.98 -25.07 16.13
CA LEU B 157 11.66 -24.38 15.06
C LEU B 157 11.47 -22.84 15.23
N ALA B 158 10.29 -22.43 15.68
CA ALA B 158 10.03 -21.02 15.87
C ALA B 158 11.05 -20.42 16.84
N LYS B 159 11.23 -21.06 17.99
CA LYS B 159 12.21 -20.67 19.01
C LYS B 159 13.66 -20.59 18.41
N ALA B 160 14.12 -21.59 17.66
CA ALA B 160 15.45 -21.57 17.05
C ALA B 160 15.61 -20.48 15.96
N VAL B 161 14.61 -20.36 15.08
CA VAL B 161 14.67 -19.37 14.02
C VAL B 161 14.76 -17.95 14.65
N ARG B 162 13.93 -17.68 15.64
CA ARG B 162 13.93 -16.38 16.29
C ARG B 162 15.18 -16.08 17.10
N GLU B 163 15.76 -17.12 17.69
CA GLU B 163 17.01 -16.95 18.41
C GLU B 163 18.13 -16.68 17.42
N ALA B 164 18.01 -17.13 16.16
CA ALA B 164 19.04 -16.86 15.13
C ALA B 164 18.86 -15.44 14.58
N GLY B 165 17.82 -14.75 15.04
CA GLY B 165 17.51 -13.40 14.60
C GLY B 165 16.62 -13.30 13.36
N LEU B 166 16.00 -14.41 12.93
CA LEU B 166 15.18 -14.36 11.74
C LEU B 166 13.67 -14.26 12.10
N ARG B 167 12.86 -13.87 11.11
CA ARG B 167 11.41 -13.82 11.27
C ARG B 167 10.89 -15.28 11.07
N PHE B 168 9.73 -15.57 11.65
CA PHE B 168 9.09 -16.88 11.60
C PHE B 168 7.62 -16.76 11.21
N GLY B 169 7.23 -17.43 10.13
CA GLY B 169 5.86 -17.41 9.66
C GLY B 169 5.38 -18.87 9.65
N VAL B 170 4.11 -19.05 9.28
CA VAL B 170 3.54 -20.39 9.23
C VAL B 170 2.72 -20.55 7.97
N TYR B 171 2.82 -21.75 7.39
CA TYR B 171 2.09 -22.15 6.22
C TYR B 171 0.97 -23.05 6.78
N TYR B 172 -0.24 -22.89 6.26
CA TYR B 172 -1.38 -23.71 6.65
C TYR B 172 -2.23 -24.01 5.45
N SER B 173 -2.51 -25.28 5.21
CA SER B 173 -3.37 -25.63 4.10
C SER B 173 -4.84 -25.42 4.49
N GLY B 174 -5.32 -24.21 4.29
CA GLY B 174 -6.69 -23.94 4.63
C GLY B 174 -7.62 -24.52 3.60
N GLY B 175 -7.25 -24.47 2.33
CA GLY B 175 -8.15 -24.93 1.30
C GLY B 175 -8.32 -26.41 1.08
N LEU B 176 -7.34 -27.21 1.52
CA LEU B 176 -7.41 -28.66 1.31
C LEU B 176 -7.01 -29.39 2.57
N ASP B 177 -7.74 -30.47 2.84
CA ASP B 177 -7.42 -31.33 3.96
C ASP B 177 -7.99 -32.69 3.60
N TRP B 178 -7.09 -33.60 3.27
CA TRP B 178 -7.46 -34.96 2.79
C TRP B 178 -7.97 -35.87 3.88
N ARG B 179 -7.99 -35.36 5.11
CA ARG B 179 -8.57 -36.12 6.19
C ARG B 179 -10.09 -35.94 6.07
N PHE B 180 -10.56 -35.02 5.24
CA PHE B 180 -12.02 -34.82 5.08
C PHE B 180 -12.54 -35.23 3.69
N THR B 181 -11.71 -35.82 2.84
CA THR B 181 -12.22 -36.23 1.54
C THR B 181 -11.78 -37.65 1.28
N THR B 182 -12.30 -38.31 0.25
CA THR B 182 -11.82 -39.66 0.02
C THR B 182 -11.30 -39.79 -1.38
N GLU B 183 -11.87 -39.01 -2.27
CA GLU B 183 -11.54 -39.09 -3.69
C GLU B 183 -10.39 -38.17 -3.98
N PRO B 184 -9.42 -38.63 -4.82
CA PRO B 184 -8.25 -37.82 -5.17
C PRO B 184 -8.60 -36.78 -6.22
N ILE B 185 -7.74 -35.77 -6.31
CA ILE B 185 -7.86 -34.74 -7.31
C ILE B 185 -7.22 -35.36 -8.59
N ARG B 186 -7.95 -35.43 -9.70
CA ARG B 186 -7.34 -36.04 -10.88
C ARG B 186 -7.12 -35.02 -11.93
N TYR B 187 -8.03 -34.03 -11.96
CA TYR B 187 -8.00 -32.94 -12.92
C TYR B 187 -8.22 -31.62 -12.19
N PRO B 188 -7.65 -30.53 -12.73
CA PRO B 188 -7.82 -29.20 -12.10
C PRO B 188 -9.30 -28.94 -11.70
N GLU B 189 -10.27 -29.34 -12.53
CA GLU B 189 -11.70 -29.12 -12.25
C GLU B 189 -12.21 -29.72 -10.93
N ASP B 190 -11.66 -30.88 -10.57
CA ASP B 190 -11.99 -31.58 -9.34
C ASP B 190 -11.82 -30.70 -8.10
N LEU B 191 -10.87 -29.75 -8.16
CA LEU B 191 -10.63 -28.80 -7.08
C LEU B 191 -11.88 -27.93 -6.78
N SER B 192 -12.79 -27.85 -7.74
CA SER B 192 -13.98 -27.05 -7.55
C SER B 192 -15.04 -27.75 -6.67
N TYR B 193 -14.96 -29.07 -6.48
CA TYR B 193 -15.95 -29.74 -5.62
C TYR B 193 -15.39 -30.70 -4.58
N ILE B 194 -14.17 -31.19 -4.80
CA ILE B 194 -13.54 -32.09 -3.87
C ILE B 194 -12.70 -31.33 -2.85
N ARG B 195 -13.39 -30.88 -1.81
CA ARG B 195 -12.87 -30.09 -0.71
C ARG B 195 -13.68 -30.56 0.51
N PRO B 196 -13.20 -30.24 1.74
CA PRO B 196 -13.97 -30.68 2.90
C PRO B 196 -15.51 -30.25 2.75
N ASN B 197 -15.78 -28.99 2.39
CA ASN B 197 -17.14 -28.44 2.17
C ASN B 197 -18.08 -28.18 3.35
N THR B 198 -17.75 -28.75 4.51
CA THR B 198 -18.58 -28.64 5.70
C THR B 198 -18.34 -27.44 6.60
N TYR B 199 -19.36 -27.14 7.42
CA TYR B 199 -19.22 -26.03 8.39
C TYR B 199 -18.21 -26.51 9.42
N GLU B 200 -18.25 -27.78 9.74
CA GLU B 200 -17.28 -28.35 10.66
C GLU B 200 -15.82 -27.99 10.21
N TYR B 201 -15.53 -28.19 8.93
CA TYR B 201 -14.19 -27.92 8.46
C TYR B 201 -13.82 -26.41 8.54
N ALA B 202 -14.80 -25.56 8.23
CA ALA B 202 -14.59 -24.15 8.28
C ALA B 202 -14.18 -23.75 9.69
N ASP B 203 -14.82 -24.37 10.71
CA ASP B 203 -14.53 -24.05 12.12
C ASP B 203 -13.13 -24.52 12.48
N TYR B 204 -12.84 -25.74 12.07
CA TYR B 204 -11.57 -26.37 12.33
C TYR B 204 -10.42 -25.52 11.79
N ALA B 205 -10.48 -25.13 10.52
CA ALA B 205 -9.46 -24.29 9.90
C ALA B 205 -9.36 -22.95 10.69
N TYR B 206 -10.48 -22.33 11.03
CA TYR B 206 -10.47 -21.08 11.80
C TYR B 206 -9.80 -21.30 13.14
N LYS B 207 -10.24 -22.35 13.85
CA LYS B 207 -9.66 -22.64 15.16
C LYS B 207 -8.17 -22.93 15.11
N GLN B 208 -7.72 -23.68 14.13
CA GLN B 208 -6.28 -23.98 14.05
C GLN B 208 -5.44 -22.76 13.70
N VAL B 209 -5.88 -21.89 12.80
CA VAL B 209 -5.06 -20.70 12.51
C VAL B 209 -5.02 -19.77 13.73
N MET B 210 -6.15 -19.65 14.44
CA MET B 210 -6.25 -18.86 15.68
C MET B 210 -5.27 -19.39 16.74
N GLU B 211 -5.18 -20.70 16.79
CA GLU B 211 -4.31 -21.43 17.69
C GLU B 211 -2.83 -21.16 17.38
N LEU B 212 -2.49 -21.08 16.09
CA LEU B 212 -1.14 -20.78 15.65
C LEU B 212 -0.81 -19.38 16.05
N VAL B 213 -1.76 -18.46 15.86
CA VAL B 213 -1.63 -17.07 16.23
C VAL B 213 -1.41 -16.93 17.75
N ASP B 214 -2.23 -17.60 18.55
CA ASP B 214 -2.12 -17.54 20.03
C ASP B 214 -0.85 -18.20 20.56
N LEU B 215 -0.40 -19.30 19.95
CA LEU B 215 0.76 -20.00 20.46
C LEU B 215 2.10 -19.50 19.97
N TYR B 216 2.15 -19.00 18.73
CA TYR B 216 3.41 -18.61 18.14
C TYR B 216 3.47 -17.20 17.60
N LEU B 217 2.31 -16.54 17.54
CA LEU B 217 2.20 -15.18 16.98
C LEU B 217 3.15 -15.04 15.76
N PRO B 218 2.91 -15.81 14.70
CA PRO B 218 3.79 -15.72 13.54
C PRO B 218 3.84 -14.37 12.85
N ASP B 219 4.93 -14.17 12.11
CA ASP B 219 5.18 -12.97 11.33
C ASP B 219 4.49 -12.96 9.96
N VAL B 220 4.15 -14.16 9.50
CA VAL B 220 3.44 -14.36 8.26
C VAL B 220 2.43 -15.50 8.45
N LEU B 221 1.25 -15.27 7.91
CA LEU B 221 0.21 -16.26 7.86
C LEU B 221 0.16 -16.60 6.40
N TRP B 222 0.78 -17.73 6.05
CA TRP B 222 0.83 -18.20 4.65
C TRP B 222 -0.23 -19.31 4.35
N ASN B 223 -1.43 -18.90 3.97
CA ASN B 223 -2.49 -19.87 3.65
C ASN B 223 -2.32 -20.41 2.22
N ASP B 224 -2.84 -21.60 1.96
CA ASP B 224 -2.71 -22.11 0.62
C ASP B 224 -4.05 -22.72 0.16
N MET B 225 -4.30 -22.68 -1.15
CA MET B 225 -5.48 -23.24 -1.75
C MET B 225 -6.82 -22.63 -1.39
N GLY B 226 -6.81 -21.35 -1.09
CA GLY B 226 -8.05 -20.67 -0.75
C GLY B 226 -8.53 -21.02 0.63
N TRP B 227 -9.53 -20.27 1.10
CA TRP B 227 -10.09 -20.53 2.40
C TRP B 227 -11.46 -21.10 2.19
N PRO B 228 -11.94 -22.03 3.05
CA PRO B 228 -13.29 -22.65 2.92
C PRO B 228 -14.31 -21.52 2.79
N GLU B 229 -15.15 -21.65 1.78
CA GLU B 229 -16.15 -20.65 1.48
C GLU B 229 -17.01 -20.30 2.70
N LYS B 230 -17.34 -21.31 3.51
CA LYS B 230 -18.18 -21.07 4.65
C LYS B 230 -17.48 -20.25 5.76
N GLY B 231 -16.13 -20.27 5.72
CA GLY B 231 -15.35 -19.55 6.71
C GLY B 231 -14.77 -18.23 6.22
N LYS B 232 -14.98 -17.83 4.96
CA LYS B 232 -14.43 -16.55 4.49
C LYS B 232 -14.78 -15.31 5.31
N GLU B 233 -16.02 -15.22 5.80
CA GLU B 233 -16.39 -14.08 6.64
C GLU B 233 -15.60 -14.07 7.94
N ASP B 234 -15.17 -15.25 8.42
CA ASP B 234 -14.36 -15.36 9.65
C ASP B 234 -13.03 -14.67 9.54
N LEU B 235 -12.46 -14.60 8.32
CA LEU B 235 -11.14 -13.96 8.11
C LEU B 235 -11.19 -12.48 8.52
N LYS B 236 -12.32 -11.79 8.35
CA LYS B 236 -12.40 -10.37 8.82
C LYS B 236 -11.99 -10.34 10.32
N TYR B 237 -12.49 -11.28 11.10
CA TYR B 237 -12.18 -11.29 12.53
C TYR B 237 -10.77 -11.83 12.83
N LEU B 238 -10.40 -12.89 12.13
CA LEU B 238 -9.10 -13.50 12.32
C LEU B 238 -8.00 -12.48 12.01
N PHE B 239 -8.11 -11.79 10.87
CA PHE B 239 -7.15 -10.77 10.50
C PHE B 239 -7.10 -9.60 11.52
N ALA B 240 -8.24 -9.10 11.96
CA ALA B 240 -8.19 -8.00 12.91
C ALA B 240 -7.54 -8.45 14.26
N TYR B 241 -7.90 -9.64 14.69
CA TYR B 241 -7.40 -10.23 15.92
C TYR B 241 -5.89 -10.37 15.81
N TYR B 242 -5.42 -10.86 14.67
CA TYR B 242 -3.99 -11.05 14.41
C TYR B 242 -3.19 -9.73 14.33
N TYR B 243 -3.66 -8.79 13.52
CA TYR B 243 -3.01 -7.49 13.39
C TYR B 243 -3.08 -6.70 14.69
N ASN B 244 -4.14 -6.85 15.48
CA ASN B 244 -4.19 -6.14 16.73
C ASN B 244 -3.19 -6.67 17.76
N LYS B 245 -2.82 -7.96 17.68
CA LYS B 245 -1.79 -8.51 18.54
C LYS B 245 -0.42 -8.31 17.92
N HIS B 246 -0.34 -8.21 16.60
CA HIS B 246 0.96 -8.13 15.93
C HIS B 246 0.83 -7.29 14.65
N PRO B 247 0.90 -5.97 14.80
CA PRO B 247 0.79 -5.09 13.64
C PRO B 247 1.78 -5.36 12.53
N GLU B 248 2.98 -5.85 12.87
CA GLU B 248 3.96 -6.18 11.87
C GLU B 248 3.79 -7.56 11.27
N GLY B 249 2.70 -8.23 11.65
CA GLY B 249 2.39 -9.54 11.10
C GLY B 249 1.95 -9.30 9.64
N SER B 250 1.85 -10.38 8.86
CA SER B 250 1.43 -10.25 7.48
C SER B 250 0.71 -11.50 6.99
N VAL B 251 -0.09 -11.32 5.93
CA VAL B 251 -0.84 -12.40 5.31
C VAL B 251 -0.62 -12.42 3.75
N ASN B 252 -0.55 -13.62 3.16
CA ASN B 252 -0.43 -13.75 1.70
C ASN B 252 -1.79 -13.57 1.01
N ASP B 253 -1.92 -14.01 -0.22
CA ASP B 253 -3.10 -13.73 -1.01
C ASP B 253 -3.83 -14.98 -1.45
N ARG B 254 -3.79 -16.04 -0.63
CA ARG B 254 -4.43 -17.28 -1.03
C ARG B 254 -5.62 -17.62 -0.15
N TRP B 255 -6.34 -16.59 0.30
CA TRP B 255 -7.50 -16.74 1.16
C TRP B 255 -8.77 -16.57 0.36
N GLY B 256 -8.66 -15.90 -0.78
CA GLY B 256 -9.84 -15.68 -1.61
C GLY B 256 -10.80 -14.66 -1.02
N VAL B 257 -10.30 -13.67 -0.28
CA VAL B 257 -11.11 -12.57 0.30
C VAL B 257 -10.49 -11.25 -0.13
N PRO B 258 -11.15 -10.13 0.14
CA PRO B 258 -10.58 -8.86 -0.27
C PRO B 258 -9.19 -8.48 0.18
N HIS B 259 -8.80 -8.89 1.36
CA HIS B 259 -7.50 -8.56 1.92
C HIS B 259 -6.31 -9.52 1.72
N TRP B 260 -5.12 -8.93 1.66
CA TRP B 260 -3.82 -9.63 1.55
C TRP B 260 -2.76 -8.55 1.69
N ASP B 261 -1.57 -8.90 2.11
CA ASP B 261 -0.50 -7.91 2.23
C ASP B 261 0.49 -8.04 1.07
N PHE B 262 0.62 -9.26 0.52
CA PHE B 262 1.49 -9.53 -0.64
C PHE B 262 0.91 -10.67 -1.42
N LYS B 263 1.16 -10.62 -2.73
CA LYS B 263 0.67 -11.65 -3.63
C LYS B 263 1.76 -12.75 -3.83
N THR B 264 1.41 -13.82 -4.53
CA THR B 264 2.31 -14.94 -4.71
C THR B 264 2.21 -15.50 -6.11
N ALA B 265 3.32 -16.13 -6.49
CA ALA B 265 3.49 -16.74 -7.81
C ALA B 265 4.29 -18.02 -7.47
N GLU B 266 3.95 -19.13 -8.15
CA GLU B 266 4.54 -20.44 -7.95
C GLU B 266 5.04 -21.00 -9.26
N TYR B 267 6.35 -21.26 -9.32
CA TYR B 267 6.99 -21.64 -10.59
C TYR B 267 6.51 -20.63 -11.64
N HIS B 268 6.09 -21.11 -12.79
CA HIS B 268 5.60 -20.27 -13.85
C HIS B 268 4.23 -19.62 -13.55
N VAL B 269 3.43 -20.19 -12.67
CA VAL B 269 2.10 -19.61 -12.39
C VAL B 269 2.08 -18.20 -11.75
N ASN B 270 1.51 -17.23 -12.46
CA ASN B 270 1.41 -15.81 -12.04
C ASN B 270 2.73 -15.08 -11.93
N TYR B 271 3.76 -15.60 -12.62
CA TYR B 271 5.05 -14.93 -12.58
C TYR B 271 5.03 -13.62 -13.40
N PRO B 272 5.32 -12.49 -12.76
CA PRO B 272 5.29 -11.25 -13.54
C PRO B 272 6.48 -11.09 -14.48
N GLY B 273 6.23 -10.55 -15.65
CA GLY B 273 7.33 -10.32 -16.60
C GLY B 273 7.90 -8.92 -16.38
N ASP B 274 7.21 -8.10 -15.61
CA ASP B 274 7.69 -6.74 -15.35
C ASP B 274 7.23 -6.27 -13.98
N LEU B 275 7.46 -4.98 -13.68
CA LEU B 275 7.05 -4.38 -12.40
C LEU B 275 5.54 -4.58 -12.27
N PRO B 276 5.09 -5.31 -11.22
CA PRO B 276 3.66 -5.57 -10.97
C PRO B 276 2.92 -4.44 -10.30
N GLY B 277 3.59 -3.67 -9.43
CA GLY B 277 2.93 -2.55 -8.80
C GLY B 277 2.36 -2.75 -7.39
N TYR B 278 2.66 -3.92 -6.82
CA TYR B 278 2.23 -4.27 -5.46
C TYR B 278 3.29 -5.23 -5.01
N LYS B 279 3.37 -5.48 -3.73
CA LYS B 279 4.36 -6.40 -3.20
C LYS B 279 3.93 -7.85 -3.49
N TRP B 280 4.88 -8.73 -3.81
CA TRP B 280 4.62 -10.14 -4.10
C TRP B 280 5.81 -11.01 -3.66
N GLU B 281 5.65 -12.31 -3.79
CA GLU B 281 6.65 -13.24 -3.36
C GLU B 281 6.56 -14.45 -4.27
N PHE B 282 7.73 -14.85 -4.76
CA PHE B 282 7.91 -15.99 -5.64
C PHE B 282 8.36 -17.22 -4.87
N THR B 283 7.72 -18.33 -5.14
CA THR B 283 8.14 -19.49 -4.44
C THR B 283 8.24 -20.64 -5.38
N ARG B 284 9.19 -21.53 -5.04
CA ARG B 284 9.49 -22.75 -5.78
C ARG B 284 10.49 -23.59 -5.01
N GLY B 285 10.56 -24.87 -5.37
CA GLY B 285 11.52 -25.76 -4.77
C GLY B 285 12.91 -25.58 -5.44
N ILE B 286 13.94 -26.01 -4.70
CA ILE B 286 15.30 -26.02 -5.23
C ILE B 286 15.16 -26.99 -6.45
N GLY B 287 14.32 -28.02 -6.34
CA GLY B 287 14.03 -28.92 -7.45
C GLY B 287 12.62 -28.61 -8.04
N LEU B 288 11.88 -29.66 -8.42
CA LEU B 288 10.54 -29.54 -8.99
C LEU B 288 9.44 -29.88 -7.97
N SER B 289 9.85 -30.25 -6.76
CA SER B 289 8.92 -30.63 -5.71
C SER B 289 9.10 -29.73 -4.50
N PHE B 290 8.15 -29.75 -3.58
CA PHE B 290 8.37 -28.96 -2.36
C PHE B 290 8.82 -29.93 -1.31
N GLY B 291 8.10 -31.05 -1.22
CA GLY B 291 8.44 -32.10 -0.28
C GLY B 291 9.66 -32.83 -0.83
N TYR B 292 10.45 -33.38 0.07
CA TYR B 292 11.60 -34.13 -0.32
C TYR B 292 11.28 -35.19 -1.39
N ASN B 293 12.08 -35.25 -2.45
CA ASN B 293 11.92 -36.28 -3.47
C ASN B 293 13.31 -36.91 -3.74
N ARG B 294 13.47 -38.15 -3.27
CA ARG B 294 14.70 -38.92 -3.44
C ARG B 294 14.98 -39.17 -4.95
N ASN B 295 13.99 -38.98 -5.83
CA ASN B 295 14.16 -39.19 -7.26
C ASN B 295 14.79 -38.05 -7.99
N GLU B 296 14.91 -36.91 -7.33
CA GLU B 296 15.53 -35.82 -8.04
C GLU B 296 17.04 -35.85 -7.94
N GLY B 297 17.68 -35.57 -9.08
CA GLY B 297 19.14 -35.49 -9.07
C GLY B 297 19.45 -34.03 -9.31
N PRO B 298 20.73 -33.69 -9.53
CA PRO B 298 21.04 -32.29 -9.78
C PRO B 298 20.44 -31.79 -11.13
N GLU B 299 20.12 -32.72 -12.04
CA GLU B 299 19.49 -32.38 -13.34
C GLU B 299 18.11 -31.75 -13.12
N HIS B 300 17.49 -32.01 -11.98
CA HIS B 300 16.15 -31.48 -11.69
C HIS B 300 16.21 -30.23 -10.86
N MET B 301 17.39 -29.87 -10.39
CA MET B 301 17.50 -28.71 -9.57
C MET B 301 18.15 -27.55 -10.25
N LEU B 302 17.97 -26.40 -9.63
CA LEU B 302 18.54 -25.15 -10.08
C LEU B 302 19.96 -25.20 -9.57
N SER B 303 20.89 -24.68 -10.35
CA SER B 303 22.29 -24.58 -9.90
C SER B 303 22.37 -23.30 -9.08
N VAL B 304 23.45 -23.13 -8.35
CA VAL B 304 23.62 -21.90 -7.58
C VAL B 304 23.47 -20.66 -8.49
N GLU B 305 24.04 -20.72 -9.69
CA GLU B 305 23.94 -19.58 -10.59
C GLU B 305 22.47 -19.23 -10.91
N GLN B 306 21.68 -20.25 -11.24
CA GLN B 306 20.27 -20.00 -11.55
C GLN B 306 19.50 -19.47 -10.35
N LEU B 307 19.88 -19.90 -9.13
CA LEU B 307 19.23 -19.38 -7.93
C LEU B 307 19.54 -17.92 -7.78
N VAL B 308 20.79 -17.55 -8.02
CA VAL B 308 21.18 -16.15 -7.93
C VAL B 308 20.35 -15.36 -8.94
N TYR B 309 20.34 -15.81 -10.19
CA TYR B 309 19.57 -15.11 -11.23
C TYR B 309 18.09 -15.04 -10.90
N THR B 310 17.55 -16.09 -10.32
CA THR B 310 16.14 -16.13 -9.95
C THR B 310 15.92 -15.08 -8.88
N LEU B 311 16.76 -15.12 -7.85
CA LEU B 311 16.66 -14.13 -6.78
C LEU B 311 16.70 -12.70 -7.35
N VAL B 312 17.69 -12.38 -8.19
CA VAL B 312 17.80 -11.03 -8.74
C VAL B 312 16.57 -10.62 -9.57
N ASP B 313 16.11 -11.51 -10.45
CA ASP B 313 14.97 -11.18 -11.29
C ASP B 313 13.78 -10.83 -10.38
N VAL B 314 13.50 -11.69 -9.41
CA VAL B 314 12.45 -11.49 -8.46
C VAL B 314 12.59 -10.15 -7.74
N VAL B 315 13.75 -9.89 -7.14
CA VAL B 315 13.90 -8.63 -6.44
C VAL B 315 13.77 -7.36 -7.28
N SER B 316 14.25 -7.43 -8.51
CA SER B 316 14.22 -6.26 -9.40
C SER B 316 12.78 -5.89 -9.74
N LYS B 317 11.91 -6.91 -9.67
CA LYS B 317 10.48 -6.76 -9.92
C LYS B 317 9.65 -6.46 -8.65
N GLY B 318 10.31 -6.17 -7.54
CA GLY B 318 9.66 -5.88 -6.28
C GLY B 318 9.30 -7.10 -5.43
N GLY B 319 9.67 -8.30 -5.86
CA GLY B 319 9.28 -9.44 -5.06
C GLY B 319 10.29 -9.95 -4.03
N ASN B 320 9.90 -11.01 -3.33
CA ASN B 320 10.78 -11.66 -2.37
C ASN B 320 10.83 -13.05 -2.93
N LEU B 321 11.93 -13.75 -2.74
CA LEU B 321 12.02 -15.15 -3.12
C LEU B 321 11.74 -15.98 -1.82
N LEU B 322 10.79 -16.91 -1.90
CA LEU B 322 10.54 -17.79 -0.80
C LEU B 322 11.01 -19.16 -1.36
N LEU B 323 12.30 -19.46 -1.20
CA LEU B 323 12.88 -20.70 -1.69
C LEU B 323 12.55 -21.86 -0.76
N ASN B 324 12.04 -22.93 -1.35
CA ASN B 324 11.68 -24.10 -0.58
C ASN B 324 12.76 -25.16 -0.44
N VAL B 325 12.84 -25.67 0.78
CA VAL B 325 13.77 -26.67 1.22
C VAL B 325 12.87 -27.86 1.63
N GLY B 326 13.23 -29.06 1.20
CA GLY B 326 12.45 -30.25 1.51
C GLY B 326 13.25 -31.27 2.32
N PRO B 327 13.17 -31.22 3.66
CA PRO B 327 13.92 -32.14 4.55
C PRO B 327 13.47 -33.59 4.48
N LYS B 328 14.34 -34.49 4.95
CA LYS B 328 14.00 -35.91 4.94
C LYS B 328 13.19 -36.18 6.18
N GLY B 329 12.58 -37.37 6.24
CA GLY B 329 11.81 -37.76 7.40
C GLY B 329 12.66 -37.73 8.67
N ASP B 330 13.97 -37.96 8.59
CA ASP B 330 14.77 -37.92 9.83
C ASP B 330 15.17 -36.52 10.22
N GLY B 331 14.70 -35.55 9.44
CA GLY B 331 14.99 -34.18 9.76
C GLY B 331 16.27 -33.63 9.23
N THR B 332 16.98 -34.32 8.35
CA THR B 332 18.20 -33.74 7.82
C THR B 332 17.86 -33.15 6.47
N ILE B 333 18.63 -32.14 6.10
CA ILE B 333 18.40 -31.52 4.82
C ILE B 333 19.35 -32.14 3.81
N PRO B 334 18.84 -32.77 2.73
CA PRO B 334 19.70 -33.40 1.70
C PRO B 334 20.83 -32.54 1.16
N ASP B 335 22.03 -33.11 1.09
CA ASP B 335 23.19 -32.41 0.60
C ASP B 335 22.99 -31.58 -0.67
N LEU B 336 22.25 -32.11 -1.64
CA LEU B 336 22.06 -31.33 -2.87
C LEU B 336 21.44 -29.98 -2.55
N GLN B 337 20.50 -29.95 -1.59
CA GLN B 337 19.86 -28.70 -1.24
C GLN B 337 20.72 -27.82 -0.36
N LYS B 338 21.41 -28.43 0.58
CA LYS B 338 22.28 -27.66 1.47
C LYS B 338 23.41 -26.94 0.69
N GLU B 339 23.96 -27.55 -0.36
CA GLU B 339 25.05 -26.95 -1.12
C GLU B 339 24.59 -25.72 -1.92
N ARG B 340 23.41 -25.84 -2.53
CA ARG B 340 22.84 -24.73 -3.25
C ARG B 340 22.48 -23.61 -2.26
N LEU B 341 21.91 -23.94 -1.09
CA LEU B 341 21.62 -22.91 -0.07
C LEU B 341 22.89 -22.15 0.29
N LEU B 342 23.98 -22.89 0.53
CA LEU B 342 25.27 -22.27 0.89
C LEU B 342 25.86 -21.41 -0.26
N GLY B 343 25.76 -21.94 -1.49
CA GLY B 343 26.25 -21.20 -2.64
C GLY B 343 25.58 -19.85 -2.69
N LEU B 344 24.24 -19.83 -2.59
CA LEU B 344 23.46 -18.58 -2.60
C LEU B 344 23.81 -17.71 -1.41
N GLY B 345 24.03 -18.32 -0.25
CA GLY B 345 24.40 -17.54 0.89
C GLY B 345 25.69 -16.78 0.65
N GLU B 346 26.68 -17.45 0.05
CA GLU B 346 28.00 -16.88 -0.32
C GLU B 346 27.81 -15.67 -1.27
N TRP B 347 27.03 -15.87 -2.35
CA TRP B 347 26.75 -14.77 -3.28
C TRP B 347 26.14 -13.54 -2.54
N LEU B 348 25.17 -13.81 -1.64
CA LEU B 348 24.50 -12.77 -0.84
C LEU B 348 25.42 -12.07 0.14
N ARG B 349 26.45 -12.78 0.61
CA ARG B 349 27.43 -12.20 1.53
C ARG B 349 28.28 -11.17 0.77
N LYS B 350 28.51 -11.38 -0.54
CA LYS B 350 29.27 -10.43 -1.34
C LYS B 350 28.36 -9.31 -1.90
N TYR B 351 27.21 -9.70 -2.48
CA TYR B 351 26.33 -8.75 -3.15
C TYR B 351 25.06 -8.30 -2.43
N GLY B 352 24.94 -8.71 -1.18
CA GLY B 352 23.79 -8.35 -0.38
C GLY B 352 23.32 -6.91 -0.34
N ASP B 353 24.27 -5.97 -0.31
CA ASP B 353 23.92 -4.58 -0.23
C ASP B 353 23.10 -4.09 -1.43
N ALA B 354 23.16 -4.81 -2.55
CA ALA B 354 22.40 -4.43 -3.75
C ALA B 354 21.03 -5.17 -3.84
N ILE B 355 20.69 -5.94 -2.82
CA ILE B 355 19.48 -6.75 -2.74
C ILE B 355 18.62 -6.39 -1.50
N TYR B 356 19.11 -6.70 -0.29
CA TYR B 356 18.36 -6.38 0.94
C TYR B 356 18.06 -4.89 1.06
N GLY B 357 16.86 -4.54 1.51
CA GLY B 357 16.55 -3.14 1.67
C GLY B 357 16.42 -2.34 0.39
N THR B 358 16.51 -2.96 -0.79
CA THR B 358 16.34 -2.16 -1.99
C THR B 358 14.88 -1.98 -2.43
N SER B 359 14.69 -1.14 -3.43
CA SER B 359 13.42 -0.82 -4.03
C SER B 359 13.59 -1.01 -5.49
N VAL B 360 12.50 -1.06 -6.24
CA VAL B 360 12.59 -1.18 -7.67
C VAL B 360 12.96 0.20 -8.25
N TRP B 361 13.50 0.18 -9.45
CA TRP B 361 13.88 1.38 -10.13
C TRP B 361 12.76 1.65 -11.19
N GLU B 362 13.00 2.54 -12.15
CA GLU B 362 12.00 2.87 -13.17
C GLU B 362 11.71 1.68 -14.01
N ARG B 363 12.72 0.86 -14.20
CA ARG B 363 12.57 -0.33 -14.99
C ARG B 363 13.32 -1.42 -14.30
N CYS B 364 12.86 -2.65 -14.49
CA CYS B 364 13.46 -3.80 -13.85
C CYS B 364 14.58 -4.42 -14.66
N CYS B 365 14.50 -4.21 -15.96
CA CYS B 365 15.34 -4.97 -16.83
C CYS B 365 15.98 -4.31 -18.07
N ALA B 366 17.08 -4.92 -18.54
CA ALA B 366 17.77 -4.51 -19.74
C ALA B 366 18.55 -5.68 -20.23
N LYS B 367 19.36 -5.45 -21.24
CA LYS B 367 20.23 -6.50 -21.76
C LYS B 367 21.33 -5.86 -22.59
N THR B 368 22.48 -6.53 -22.68
CA THR B 368 23.60 -6.02 -23.43
C THR B 368 23.35 -6.32 -24.91
N GLU B 369 24.15 -5.70 -25.75
CA GLU B 369 24.08 -5.92 -27.17
C GLU B 369 24.28 -7.40 -27.52
N ASP B 370 25.00 -8.13 -26.68
CA ASP B 370 25.25 -9.53 -26.94
C ASP B 370 24.32 -10.52 -26.22
N GLY B 371 23.18 -10.05 -25.70
CA GLY B 371 22.28 -10.98 -25.04
C GLY B 371 22.36 -11.22 -23.52
N THR B 372 23.29 -10.61 -22.80
CA THR B 372 23.34 -10.82 -21.34
C THR B 372 22.26 -9.97 -20.70
N GLU B 373 21.44 -10.62 -19.88
CA GLU B 373 20.35 -9.93 -19.20
C GLU B 373 20.86 -9.14 -18.01
N ILE B 374 20.20 -8.02 -17.76
CA ILE B 374 20.51 -7.11 -16.68
C ILE B 374 19.27 -6.76 -15.82
N ARG B 375 19.46 -6.58 -14.53
CA ARG B 375 18.37 -6.25 -13.63
C ARG B 375 18.82 -5.10 -12.80
N PHE B 376 17.89 -4.24 -12.39
CA PHE B 376 18.22 -3.09 -11.57
C PHE B 376 17.50 -3.07 -10.21
N THR B 377 18.15 -2.53 -9.19
CA THR B 377 17.58 -2.36 -7.88
C THR B 377 18.01 -0.97 -7.42
N ARG B 378 17.43 -0.47 -6.36
CA ARG B 378 17.74 0.88 -5.98
C ARG B 378 17.78 1.07 -4.47
N LYS B 379 18.55 2.06 -4.05
CA LYS B 379 18.66 2.47 -2.67
C LYS B 379 18.93 3.94 -2.79
N CYS B 380 17.86 4.72 -2.67
CA CYS B 380 17.92 6.17 -2.80
C CYS B 380 18.51 6.63 -4.13
N ASN B 381 19.69 7.23 -4.08
CA ASN B 381 20.31 7.73 -5.31
C ASN B 381 21.20 6.68 -6.00
N ARG B 382 21.46 5.59 -5.30
CA ARG B 382 22.26 4.51 -5.85
C ARG B 382 21.39 3.53 -6.65
N ILE B 383 21.85 3.20 -7.85
CA ILE B 383 21.20 2.28 -8.74
C ILE B 383 22.13 1.08 -8.93
N PHE B 384 21.65 -0.13 -8.64
CA PHE B 384 22.52 -1.28 -8.80
C PHE B 384 22.22 -1.91 -10.13
N VAL B 385 23.26 -2.18 -10.94
CA VAL B 385 23.12 -2.79 -12.27
C VAL B 385 23.69 -4.17 -12.10
N ILE B 386 22.80 -5.15 -12.14
CA ILE B 386 23.17 -6.54 -11.91
C ILE B 386 23.06 -7.37 -13.14
N PHE B 387 24.22 -7.82 -13.63
CA PHE B 387 24.23 -8.62 -14.85
C PHE B 387 23.97 -10.09 -14.54
N LEU B 388 23.21 -10.74 -15.37
CA LEU B 388 22.97 -12.12 -15.07
C LEU B 388 24.07 -12.94 -15.75
N GLY B 389 25.24 -12.81 -15.18
CA GLY B 389 26.41 -13.47 -15.71
C GLY B 389 27.57 -12.49 -15.65
N ILE B 390 28.72 -12.92 -16.17
CA ILE B 390 29.85 -11.99 -16.21
C ILE B 390 30.31 -11.90 -17.65
N PRO B 391 30.17 -10.71 -18.23
CA PRO B 391 30.60 -10.60 -19.63
C PRO B 391 32.10 -10.88 -19.81
N THR B 392 32.44 -11.36 -21.00
CA THR B 392 33.81 -11.67 -21.35
C THR B 392 34.67 -10.43 -21.72
N GLY B 393 34.13 -9.53 -22.55
CA GLY B 393 34.90 -8.35 -22.96
C GLY B 393 34.79 -7.15 -22.04
N GLU B 394 35.83 -6.30 -22.00
CA GLU B 394 35.81 -5.12 -21.15
C GLU B 394 34.86 -4.08 -21.70
N LYS B 395 34.55 -4.20 -22.98
CA LYS B 395 33.62 -3.23 -23.52
C LYS B 395 32.22 -3.82 -23.41
N ILE B 396 31.36 -3.07 -22.71
CA ILE B 396 30.00 -3.52 -22.51
C ILE B 396 29.04 -2.51 -23.07
N VAL B 397 28.13 -2.99 -23.92
CA VAL B 397 27.11 -2.12 -24.50
C VAL B 397 25.70 -2.51 -24.05
N ILE B 398 25.07 -1.67 -23.20
CA ILE B 398 23.73 -1.94 -22.74
C ILE B 398 22.73 -1.27 -23.65
N GLU B 399 21.79 -2.06 -24.17
CA GLU B 399 20.79 -1.57 -25.09
C GLU B 399 19.70 -0.75 -24.49
N ASP B 400 19.32 0.31 -25.19
CA ASP B 400 18.19 1.15 -24.80
C ASP B 400 18.24 1.72 -23.41
N LEU B 401 19.41 2.22 -23.01
CA LEU B 401 19.57 2.80 -21.70
C LEU B 401 20.50 4.00 -21.73
N ASN B 402 20.13 5.06 -21.04
CA ASN B 402 20.97 6.25 -20.90
C ASN B 402 20.95 6.59 -19.39
N LEU B 403 22.09 7.04 -18.86
CA LEU B 403 22.17 7.39 -17.44
C LEU B 403 22.53 8.83 -17.30
N SER B 404 21.96 9.45 -16.27
CA SER B 404 22.24 10.84 -15.99
C SER B 404 22.97 10.91 -14.65
N ALA B 405 23.77 9.88 -14.36
CA ALA B 405 24.48 9.82 -13.08
C ALA B 405 25.83 10.53 -13.06
N GLY B 406 26.59 10.35 -14.12
CA GLY B 406 27.89 11.00 -14.15
C GLY B 406 28.94 10.20 -13.39
N THR B 407 28.50 9.18 -12.67
CA THR B 407 29.44 8.33 -11.96
C THR B 407 28.87 6.89 -11.88
N VAL B 408 29.66 5.95 -12.39
CA VAL B 408 29.31 4.53 -12.42
C VAL B 408 30.50 3.77 -11.85
N ARG B 409 30.32 3.14 -10.70
CA ARG B 409 31.38 2.38 -10.06
C ARG B 409 31.22 0.88 -10.23
N HIS B 410 32.29 0.12 -10.01
CA HIS B 410 32.21 -1.31 -10.06
C HIS B 410 31.93 -1.64 -8.59
N PHE B 411 30.78 -2.26 -8.33
CA PHE B 411 30.30 -2.57 -6.97
C PHE B 411 31.23 -3.18 -5.93
N LEU B 412 31.83 -4.33 -6.23
CA LEU B 412 32.71 -4.97 -5.24
C LEU B 412 33.94 -4.19 -4.81
N THR B 413 34.64 -3.63 -5.80
CA THR B 413 35.87 -2.85 -5.61
C THR B 413 35.66 -1.35 -5.38
N GLY B 414 34.48 -0.85 -5.77
CA GLY B 414 34.20 0.55 -5.63
C GLY B 414 34.90 1.37 -6.70
N GLU B 415 35.65 0.74 -7.59
CA GLU B 415 36.38 1.52 -8.61
C GLU B 415 35.56 2.24 -9.72
N ARG B 416 35.68 3.56 -9.74
CA ARG B 416 35.06 4.44 -10.73
C ARG B 416 35.31 3.93 -12.15
N LEU B 417 34.24 3.85 -12.94
CA LEU B 417 34.35 3.38 -14.31
C LEU B 417 33.99 4.43 -15.34
N SER B 418 34.52 4.21 -16.55
CA SER B 418 34.30 5.07 -17.70
C SER B 418 33.06 4.72 -18.45
N PHE B 419 32.21 5.71 -18.64
CA PHE B 419 31.01 5.42 -19.38
C PHE B 419 30.51 6.64 -20.10
N LYS B 420 29.66 6.40 -21.10
CA LYS B 420 29.03 7.48 -21.86
C LYS B 420 27.80 6.92 -22.59
N ASN B 421 26.80 7.77 -22.76
CA ASN B 421 25.59 7.38 -23.47
C ASN B 421 25.87 7.56 -24.97
N VAL B 422 25.82 6.48 -25.72
CA VAL B 422 26.07 6.54 -27.16
C VAL B 422 24.77 6.26 -27.90
N GLY B 423 24.02 7.32 -28.16
CA GLY B 423 22.78 7.13 -28.86
C GLY B 423 21.73 6.63 -27.91
N LYS B 424 21.04 5.56 -28.31
CA LYS B 424 20.00 5.00 -27.47
C LYS B 424 20.61 3.93 -26.52
N ASN B 425 21.94 3.83 -26.50
CA ASN B 425 22.66 2.85 -25.68
C ASN B 425 23.53 3.46 -24.59
N LEU B 426 24.11 2.58 -23.77
CA LEU B 426 25.01 3.00 -22.71
C LEU B 426 26.27 2.15 -22.86
N GLU B 427 27.43 2.80 -22.89
CA GLU B 427 28.69 2.09 -23.04
C GLU B 427 29.57 2.28 -21.82
N ILE B 428 30.02 1.15 -21.30
CA ILE B 428 30.84 1.11 -20.11
C ILE B 428 32.01 0.19 -20.42
N THR B 429 33.15 0.53 -19.83
CA THR B 429 34.32 -0.27 -20.02
C THR B 429 34.62 -0.80 -18.63
N VAL B 430 34.67 -2.11 -18.54
CA VAL B 430 34.91 -2.75 -17.26
C VAL B 430 36.24 -3.46 -17.37
N PRO B 431 37.28 -2.95 -16.69
CA PRO B 431 38.62 -3.55 -16.72
C PRO B 431 38.58 -5.05 -16.37
N LYS B 432 39.26 -5.87 -17.18
CA LYS B 432 39.28 -7.32 -16.98
C LYS B 432 39.61 -7.74 -15.56
N LYS B 433 40.43 -6.96 -14.85
CA LYS B 433 40.79 -7.29 -13.48
C LYS B 433 39.51 -7.28 -12.67
N LEU B 434 38.68 -6.26 -12.89
CA LEU B 434 37.43 -6.15 -12.16
C LEU B 434 36.45 -7.25 -12.58
N LEU B 435 36.28 -7.47 -13.88
CA LEU B 435 35.38 -8.52 -14.28
C LEU B 435 35.77 -9.85 -13.65
N GLU B 436 37.04 -10.02 -13.34
CA GLU B 436 37.49 -11.28 -12.79
C GLU B 436 37.25 -11.36 -11.31
N THR B 437 37.10 -10.21 -10.67
CA THR B 437 36.84 -10.21 -9.26
C THR B 437 35.40 -10.72 -8.91
N ASP B 438 34.42 -10.39 -9.76
CA ASP B 438 33.04 -10.80 -9.55
C ASP B 438 32.82 -12.28 -9.57
N SER B 439 31.79 -12.71 -8.86
CA SER B 439 31.49 -14.13 -8.79
C SER B 439 30.49 -14.70 -9.80
N ILE B 440 29.22 -14.36 -9.72
CA ILE B 440 28.31 -15.02 -10.69
C ILE B 440 27.66 -13.94 -11.53
N THR B 441 27.71 -12.75 -10.97
CA THR B 441 27.14 -11.57 -11.55
C THR B 441 28.11 -10.41 -11.54
N LEU B 442 28.17 -9.72 -12.67
CA LEU B 442 28.93 -8.51 -12.75
C LEU B 442 27.95 -7.52 -12.15
N VAL B 443 28.40 -6.72 -11.19
CA VAL B 443 27.51 -5.71 -10.61
C VAL B 443 28.11 -4.35 -10.65
N LEU B 444 27.34 -3.38 -11.15
CA LEU B 444 27.82 -2.03 -11.17
C LEU B 444 26.88 -1.20 -10.34
N GLU B 445 27.35 -0.06 -9.90
CA GLU B 445 26.56 0.83 -9.12
C GLU B 445 26.65 2.21 -9.76
N ALA B 446 25.51 2.79 -10.10
CA ALA B 446 25.43 4.11 -10.70
C ALA B 446 24.94 5.05 -9.59
N VAL B 447 25.41 6.29 -9.60
CA VAL B 447 25.04 7.29 -8.59
C VAL B 447 24.75 8.58 -9.32
OAE ZWZ C . -21.08 17.96 4.20
CAK ZWZ C . -19.80 17.99 3.55
CAJ ZWZ C . -19.31 19.44 3.43
OAD ZWZ C . -20.29 20.24 2.75
CAI ZWZ C . -18.02 19.43 2.62
OAC ZWZ C . -18.34 18.95 1.31
CAH ZWZ C . -16.99 18.51 3.31
CAA ZWZ C . -15.70 18.42 2.51
NAG ZWZ C . -17.53 17.15 3.51
CAL ZWZ C . -18.76 17.18 4.31
CAF ZWZ C . -19.23 15.73 4.54
NAB ZWZ C . -18.49 15.10 5.64
OAE ZWZ D . -0.25 -27.81 -3.73
CAK ZWZ D . 0.59 -26.86 -3.07
CAJ ZWZ D . 2.00 -27.43 -2.88
OAD ZWZ D . 1.93 -28.62 -2.10
CAI ZWZ D . 2.89 -26.40 -2.17
OAC ZWZ D . 2.44 -26.29 -0.82
CAH ZWZ D . 2.86 -25.07 -2.92
CAA ZWZ D . 3.65 -23.98 -2.20
NAG ZWZ D . 1.47 -24.58 -3.09
CAL ZWZ D . 0.62 -25.54 -3.82
CAF ZWZ D . -0.80 -24.96 -3.90
NAB ZWZ D . -1.02 -24.32 -5.20
#